data_5EQC
#
_entry.id   5EQC
#
_cell.length_a   109.406
_cell.length_b   109.406
_cell.length_c   109.883
_cell.angle_alpha   90.00
_cell.angle_beta   90.00
_cell.angle_gamma   90.00
#
_symmetry.space_group_name_H-M   'P 43'
#
loop_
_entity.id
_entity.type
_entity.pdbx_description
1 polymer 'Ornithine aminotransferase, mitochondrial'
2 non-polymer alpha-D-glucopyranose
3 non-polymer beta-D-glucopyranose
4 non-polymer 2-AMINO-2-HYDROXYMETHYL-PROPANE-1,3-DIOL
5 non-polymer DI(HYDROXYETHYL)ETHER
6 non-polymer "PYRIDOXAL-5'-PHOSPHATE"
7 non-polymer 2-[BIS-(2-HYDROXY-ETHYL)-AMINO]-2-HYDROXYMETHYL-PROPANE-1,3-DIOL
8 non-polymer BETA-MERCAPTOETHANOL
9 water water
#
_entity_poly.entity_id   1
_entity_poly.type   'polypeptide(L)'
_entity_poly.pdbx_seq_one_letter_code
;MATKSDGSASAAAEGGARKTNIEAYRDGLKLKTEEDFFACDRQYVCQNYAPVPVVISKGKGARVWDINGNEYYDFLAGVS
SLSQGHCHPRVIAALCRQAERLTLTLRAFGNDVTGPACRFMAEMFGYDRVLLMNTGAEAGESALKIARKWAYEVKEIPPD
SAKVILCNNNYWGRTITACSSSTTFDCYNNFGPFTPGFELIDYDDVGALEEALKDPNVAAFFVEPIQGEGGVNVPKPGYL
KRAHELCRSKNVLLIVDEIQTGLCRTGRLLAADHDEVHPDILLLGKSLSAGVVPISAVMGRADVMDVLKPGTHGSTFGGN
PLACAVAVEALTVLKDEKLADRAERLGAQFRDCLRRELYGKVPWIKEIRGRGLLNAVEVDSDAIDPNDVVMKLKENGILS
KPTRGRVMRFIPPLVITDEEHRDATTRIIKSFLAVEEERKK
;
_entity_poly.pdbx_strand_id   A,B
#
loop_
_chem_comp.id
_chem_comp.type
_chem_comp.name
_chem_comp.formula
BGC D-saccharide, beta linking beta-D-glucopyranose 'C6 H12 O6'
BME non-polymer BETA-MERCAPTOETHANOL 'C2 H6 O S'
BTB non-polymer 2-[BIS-(2-HYDROXY-ETHYL)-AMINO]-2-HYDROXYMETHYL-PROPANE-1,3-DIOL 'C8 H19 N O5'
GLC D-saccharide, alpha linking alpha-D-glucopyranose 'C6 H12 O6'
PEG non-polymer DI(HYDROXYETHYL)ETHER 'C4 H10 O3'
PLP non-polymer PYRIDOXAL-5'-PHOSPHATE 'C8 H10 N O6 P'
TRS non-polymer 2-AMINO-2-HYDROXYMETHYL-PROPANE-1,3-DIOL 'C4 H12 N O3 1'
#
# COMPACT_ATOMS: atom_id res chain seq x y z
N GLY A 16 -26.74 1.58 -24.39
CA GLY A 16 -25.73 0.62 -24.93
C GLY A 16 -25.34 -0.44 -23.90
N ALA A 17 -24.62 -1.48 -24.34
CA ALA A 17 -24.17 -2.60 -23.47
C ALA A 17 -22.77 -3.02 -23.87
N ARG A 18 -21.88 -3.14 -22.91
CA ARG A 18 -20.53 -3.57 -23.17
C ARG A 18 -19.86 -4.17 -21.93
N LYS A 19 -18.88 -5.01 -22.20
CA LYS A 19 -18.10 -5.66 -21.16
C LYS A 19 -16.99 -4.74 -20.79
N THR A 20 -16.58 -4.78 -19.52
CA THR A 20 -15.30 -4.22 -19.14
C THR A 20 -14.22 -5.27 -19.43
N ASN A 21 -12.94 -4.89 -19.47
CA ASN A 21 -11.93 -5.82 -19.95
C ASN A 21 -11.71 -7.04 -19.08
N ILE A 22 -11.84 -6.89 -17.76
CA ILE A 22 -11.73 -8.06 -16.87
C ILE A 22 -12.80 -9.11 -17.25
N GLU A 23 -14.00 -8.65 -17.57
CA GLU A 23 -15.12 -9.54 -17.93
C GLU A 23 -14.87 -10.17 -19.30
N ALA A 24 -14.51 -9.37 -20.30
CA ALA A 24 -14.23 -9.92 -21.65
C ALA A 24 -13.13 -10.97 -21.62
N TYR A 25 -12.08 -10.67 -20.87
CA TYR A 25 -10.93 -11.59 -20.75
C TYR A 25 -11.30 -12.87 -20.01
N ARG A 26 -12.00 -12.73 -18.88
CA ARG A 26 -12.42 -13.91 -18.13
C ARG A 26 -13.35 -14.75 -18.97
N ASP A 27 -14.31 -14.12 -19.64
CA ASP A 27 -15.26 -14.85 -20.49
C ASP A 27 -14.47 -15.67 -21.55
N GLY A 28 -13.43 -15.07 -22.13
CA GLY A 28 -12.64 -15.77 -23.16
C GLY A 28 -11.79 -16.95 -22.66
N LEU A 29 -11.44 -16.99 -21.38
CA LEU A 29 -10.78 -18.16 -20.79
C LEU A 29 -11.71 -19.36 -20.56
N LYS A 30 -13.02 -19.17 -20.61
CA LYS A 30 -13.98 -20.30 -20.52
C LYS A 30 -13.86 -21.09 -19.22
N LEU A 31 -13.76 -20.35 -18.15
CA LEU A 31 -13.66 -20.90 -16.80
C LEU A 31 -15.09 -21.14 -16.36
N LYS A 32 -15.42 -22.37 -16.06
CA LYS A 32 -16.80 -22.79 -15.77
C LYS A 32 -16.91 -23.25 -14.30
N THR A 33 -16.07 -24.19 -13.92
CA THR A 33 -16.14 -24.81 -12.62
C THR A 33 -15.21 -24.13 -11.66
N GLU A 34 -15.39 -24.39 -10.35
CA GLU A 34 -14.47 -23.88 -9.35
C GLU A 34 -13.05 -24.43 -9.56
N GLU A 35 -12.92 -25.69 -9.97
CA GLU A 35 -11.63 -26.27 -10.32
C GLU A 35 -10.91 -25.48 -11.44
N ASP A 36 -11.65 -25.04 -12.45
CA ASP A 36 -11.08 -24.19 -13.50
C ASP A 36 -10.43 -22.95 -12.92
N PHE A 37 -11.08 -22.31 -11.94
CA PHE A 37 -10.50 -21.11 -11.31
C PHE A 37 -9.35 -21.46 -10.36
N PHE A 38 -9.50 -22.53 -9.56
CA PHE A 38 -8.37 -22.98 -8.71
C PHE A 38 -7.11 -23.21 -9.53
N ALA A 39 -7.27 -23.76 -10.72
CA ALA A 39 -6.12 -24.14 -11.58
C ALA A 39 -5.50 -22.89 -12.21
N CYS A 40 -6.33 -21.96 -12.67
CA CYS A 40 -5.83 -20.66 -13.06
C CYS A 40 -5.00 -19.97 -11.95
N ASP A 41 -5.52 -19.97 -10.72
CA ASP A 41 -4.82 -19.35 -9.58
C ASP A 41 -3.49 -20.03 -9.32
N ARG A 42 -3.48 -21.36 -9.28
CA ARG A 42 -2.21 -22.12 -9.05
C ARG A 42 -1.16 -21.91 -10.12
N GLN A 43 -1.56 -21.71 -11.38
CA GLN A 43 -0.61 -21.54 -12.48
C GLN A 43 -0.04 -20.14 -12.50
N TYR A 44 -0.84 -19.09 -12.28
CA TYR A 44 -0.37 -17.71 -12.58
C TYR A 44 -0.14 -16.78 -11.38
N VAL A 45 -0.74 -17.11 -10.24
CA VAL A 45 -0.70 -16.29 -9.04
C VAL A 45 0.38 -16.89 -8.17
N CYS A 46 1.25 -16.05 -7.65
CA CYS A 46 2.27 -16.47 -6.70
C CYS A 46 1.61 -17.23 -5.56
N GLN A 47 2.13 -18.42 -5.26
CA GLN A 47 1.45 -19.32 -4.30
C GLN A 47 1.83 -19.11 -2.83
N ASN A 48 1.67 -17.88 -2.33
CA ASN A 48 1.99 -17.57 -0.96
C ASN A 48 0.78 -17.64 0.01
N TYR A 49 -0.35 -18.18 -0.45
CA TYR A 49 -1.51 -18.43 0.38
C TYR A 49 -1.98 -19.90 0.33
N ALA A 50 -2.66 -20.34 1.37
CA ALA A 50 -3.33 -21.66 1.46
C ALA A 50 -4.88 -21.45 1.61
N PRO A 51 -5.55 -21.03 0.52
CA PRO A 51 -6.94 -20.49 0.62
C PRO A 51 -7.99 -21.54 0.97
N VAL A 52 -9.14 -21.13 1.55
CA VAL A 52 -10.28 -22.06 1.58
C VAL A 52 -10.78 -22.25 0.16
N PRO A 53 -11.09 -23.48 -0.22
CA PRO A 53 -11.43 -23.69 -1.61
C PRO A 53 -12.87 -23.21 -1.92
N VAL A 54 -13.00 -21.94 -2.22
CA VAL A 54 -14.29 -21.35 -2.61
C VAL A 54 -13.92 -20.25 -3.60
N VAL A 55 -14.79 -19.97 -4.56
CA VAL A 55 -14.56 -18.93 -5.54
C VAL A 55 -15.69 -17.91 -5.42
N ILE A 56 -15.44 -16.86 -4.66
CA ILE A 56 -16.42 -15.85 -4.41
C ILE A 56 -16.55 -14.94 -5.59
N SER A 57 -17.77 -14.58 -5.89
CA SER A 57 -18.08 -13.78 -7.05
C SER A 57 -18.76 -12.48 -6.67
N LYS A 58 -19.60 -12.51 -5.63
CA LYS A 58 -20.35 -11.32 -5.22
C LYS A 58 -20.34 -11.23 -3.71
N GLY A 59 -20.21 -10.02 -3.21
CA GLY A 59 -20.33 -9.79 -1.80
C GLY A 59 -21.34 -8.68 -1.57
N LYS A 60 -22.16 -8.80 -0.54
N LYS A 60 -22.08 -8.80 -0.48
CA LYS A 60 -23.09 -7.78 -0.13
CA LYS A 60 -23.04 -7.79 -0.15
C LYS A 60 -23.41 -7.85 1.36
C LYS A 60 -23.45 -7.84 1.32
N GLY A 61 -23.08 -6.81 2.09
CA GLY A 61 -23.30 -6.80 3.53
C GLY A 61 -22.50 -7.94 4.20
N ALA A 62 -23.21 -8.83 4.88
CA ALA A 62 -22.57 -9.93 5.61
C ALA A 62 -22.43 -11.18 4.78
N ARG A 63 -22.99 -11.19 3.58
CA ARG A 63 -23.02 -12.36 2.75
C ARG A 63 -22.15 -12.31 1.51
N VAL A 64 -21.76 -13.48 1.04
CA VAL A 64 -21.08 -13.63 -0.24
C VAL A 64 -21.68 -14.80 -0.96
N TRP A 65 -21.53 -14.79 -2.29
CA TRP A 65 -21.97 -15.86 -3.13
C TRP A 65 -20.84 -16.32 -3.98
N ASP A 66 -20.75 -17.63 -4.21
CA ASP A 66 -19.71 -18.17 -5.06
C ASP A 66 -20.22 -18.41 -6.49
N ILE A 67 -19.34 -18.84 -7.37
CA ILE A 67 -19.69 -19.03 -8.79
C ILE A 67 -20.67 -20.16 -9.04
N ASN A 68 -20.85 -21.06 -8.06
CA ASN A 68 -21.88 -22.07 -8.20
C ASN A 68 -23.21 -21.61 -7.65
N GLY A 69 -23.29 -20.36 -7.19
CA GLY A 69 -24.48 -19.83 -6.58
C GLY A 69 -24.58 -19.95 -5.07
N ASN A 70 -23.77 -20.83 -4.45
CA ASN A 70 -23.85 -21.01 -2.97
C ASN A 70 -23.60 -19.73 -2.22
N GLU A 71 -24.37 -19.55 -1.17
CA GLU A 71 -24.34 -18.43 -0.30
C GLU A 71 -23.66 -18.76 1.02
N TYR A 72 -22.96 -17.79 1.58
CA TYR A 72 -22.28 -17.98 2.83
C TYR A 72 -22.28 -16.68 3.61
N TYR A 73 -22.16 -16.79 4.93
CA TYR A 73 -21.82 -15.61 5.74
C TYR A 73 -20.30 -15.52 5.78
N ASP A 74 -19.82 -14.33 5.50
CA ASP A 74 -18.38 -14.07 5.61
C ASP A 74 -17.96 -13.77 7.02
N PHE A 75 -17.28 -14.72 7.67
CA PHE A 75 -16.84 -14.62 9.06
C PHE A 75 -15.36 -14.36 9.25
N LEU A 76 -14.74 -13.86 8.21
CA LEU A 76 -13.42 -13.22 8.24
C LEU A 76 -13.50 -11.70 7.95
N ALA A 77 -14.36 -11.30 7.04
CA ALA A 77 -14.60 -9.86 6.75
C ALA A 77 -13.30 -9.09 6.53
N GLY A 78 -12.43 -9.68 5.70
CA GLY A 78 -11.11 -9.10 5.39
C GLY A 78 -10.20 -8.92 6.58
N VAL A 79 -10.35 -9.80 7.56
CA VAL A 79 -9.80 -9.63 8.87
C VAL A 79 -10.05 -8.23 9.44
N SER A 80 -11.33 -7.91 9.53
CA SER A 80 -11.84 -6.64 10.02
C SER A 80 -11.58 -5.47 9.08
N SER A 81 -11.52 -5.75 7.78
CA SER A 81 -11.53 -4.73 6.70
C SER A 81 -12.91 -4.38 6.16
N LEU A 82 -13.89 -5.20 6.47
CA LEU A 82 -15.18 -5.02 5.96
C LEU A 82 -16.20 -4.91 7.08
N SER A 83 -15.91 -4.13 8.09
CA SER A 83 -16.86 -3.90 9.16
C SER A 83 -18.19 -3.35 8.67
N GLN A 84 -18.15 -2.53 7.61
CA GLN A 84 -19.31 -1.90 7.05
C GLN A 84 -20.02 -2.81 6.07
N GLY A 85 -19.57 -4.05 5.94
CA GLY A 85 -20.12 -4.98 4.96
C GLY A 85 -19.44 -4.90 3.62
N HIS A 86 -19.57 -5.98 2.84
CA HIS A 86 -19.20 -5.94 1.43
C HIS A 86 -20.04 -4.90 0.64
N CYS A 87 -19.36 -4.12 -0.17
CA CYS A 87 -20.03 -3.20 -1.10
C CYS A 87 -21.11 -2.32 -0.46
N HIS A 88 -20.77 -1.64 0.62
CA HIS A 88 -21.68 -0.76 1.29
C HIS A 88 -22.09 0.34 0.27
N PRO A 89 -23.39 0.50 0.03
CA PRO A 89 -23.81 1.35 -1.09
C PRO A 89 -23.38 2.80 -0.96
N ARG A 90 -23.30 3.32 0.23
CA ARG A 90 -22.85 4.66 0.44
C ARG A 90 -21.38 4.81 0.14
N VAL A 91 -20.58 3.84 0.54
CA VAL A 91 -19.13 3.93 0.32
C VAL A 91 -18.83 3.82 -1.18
N ILE A 92 -19.52 2.88 -1.85
CA ILE A 92 -19.36 2.68 -3.28
C ILE A 92 -19.85 3.94 -4.04
N ALA A 93 -20.95 4.56 -3.59
CA ALA A 93 -21.41 5.77 -4.26
C ALA A 93 -20.38 6.90 -4.10
N ALA A 94 -19.80 7.05 -2.91
CA ALA A 94 -18.75 8.06 -2.70
C ALA A 94 -17.53 7.81 -3.60
N LEU A 95 -17.12 6.54 -3.68
CA LEU A 95 -16.01 6.11 -4.57
C LEU A 95 -16.27 6.51 -6.06
N CYS A 96 -17.41 6.12 -6.59
CA CYS A 96 -17.77 6.40 -8.00
C CYS A 96 -17.88 7.91 -8.26
N ARG A 97 -18.43 8.65 -7.33
CA ARG A 97 -18.53 10.08 -7.45
C ARG A 97 -17.17 10.78 -7.46
N GLN A 98 -16.33 10.52 -6.47
CA GLN A 98 -15.04 11.13 -6.48
C GLN A 98 -14.19 10.68 -7.67
N ALA A 99 -14.35 9.42 -8.12
CA ALA A 99 -13.52 8.87 -9.21
C ALA A 99 -13.78 9.53 -10.58
N GLU A 100 -14.97 10.09 -10.76
CA GLU A 100 -15.29 10.89 -11.93
C GLU A 100 -14.65 12.28 -12.00
N ARG A 101 -14.20 12.76 -10.85
CA ARG A 101 -13.73 14.08 -10.69
C ARG A 101 -12.19 14.15 -10.58
N LEU A 102 -11.58 13.37 -9.70
CA LEU A 102 -10.14 13.46 -9.43
C LEU A 102 -9.76 12.32 -8.51
N THR A 103 -8.71 11.59 -8.86
CA THR A 103 -8.29 10.46 -8.03
C THR A 103 -6.92 10.62 -7.46
N LEU A 104 -6.03 11.31 -8.16
CA LEU A 104 -4.67 11.42 -7.73
C LEU A 104 -4.07 12.76 -8.12
N THR A 105 -3.48 13.46 -7.16
CA THR A 105 -2.67 14.63 -7.51
C THR A 105 -1.23 14.48 -7.10
N LEU A 106 -0.95 13.60 -6.14
CA LEU A 106 0.22 13.67 -5.27
C LEU A 106 0.11 14.76 -4.26
N ARG A 107 0.86 14.60 -3.17
CA ARG A 107 0.99 15.72 -2.19
C ARG A 107 1.92 16.84 -2.62
N ALA A 108 2.58 16.65 -3.76
CA ALA A 108 3.28 17.70 -4.52
C ALA A 108 2.38 18.85 -4.98
N PHE A 109 1.08 18.60 -5.16
CA PHE A 109 0.11 19.64 -5.45
C PHE A 109 -0.96 19.55 -4.36
N GLY A 110 -1.63 20.68 -4.11
CA GLY A 110 -2.79 20.65 -3.22
C GLY A 110 -4.00 20.13 -3.94
N ASN A 111 -5.02 19.78 -3.18
CA ASN A 111 -6.31 19.47 -3.74
C ASN A 111 -7.41 19.83 -2.74
N ASP A 112 -8.67 19.66 -3.14
CA ASP A 112 -9.81 20.08 -2.31
C ASP A 112 -10.41 19.02 -1.40
N VAL A 113 -9.65 17.92 -1.19
CA VAL A 113 -10.13 16.79 -0.45
C VAL A 113 -9.22 16.39 0.67
N THR A 114 -7.91 16.30 0.42
CA THR A 114 -7.01 15.69 1.43
C THR A 114 -7.00 16.37 2.79
N GLY A 115 -6.93 17.69 2.81
CA GLY A 115 -6.92 18.48 4.06
C GLY A 115 -8.24 18.35 4.81
N PRO A 116 -9.38 18.54 4.14
CA PRO A 116 -10.65 18.35 4.80
C PRO A 116 -10.81 16.92 5.33
N ALA A 117 -10.30 15.90 4.62
CA ALA A 117 -10.40 14.53 5.15
C ALA A 117 -9.53 14.32 6.39
N CYS A 118 -8.30 14.85 6.38
CA CYS A 118 -7.47 14.80 7.59
C CYS A 118 -8.06 15.56 8.76
N ARG A 119 -8.63 16.70 8.49
CA ARG A 119 -9.30 17.37 9.54
C ARG A 119 -10.47 16.56 10.14
N PHE A 120 -11.30 16.00 9.27
CA PHE A 120 -12.37 15.10 9.70
C PHE A 120 -11.87 13.99 10.64
N MET A 121 -10.79 13.36 10.25
CA MET A 121 -10.22 12.28 11.09
C MET A 121 -9.60 12.85 12.39
N ALA A 122 -8.91 13.98 12.29
CA ALA A 122 -8.25 14.55 13.45
C ALA A 122 -9.28 14.85 14.54
N GLU A 123 -10.44 15.39 14.12
CA GLU A 123 -11.48 15.71 15.03
C GLU A 123 -12.19 14.46 15.53
N MET A 124 -12.39 13.44 14.71
CA MET A 124 -13.11 12.23 15.12
C MET A 124 -12.29 11.49 16.18
N PHE A 125 -10.97 11.42 16.03
CA PHE A 125 -10.11 10.65 16.92
C PHE A 125 -9.34 11.48 17.96
N GLY A 126 -9.35 12.80 17.82
CA GLY A 126 -8.74 13.70 18.81
C GLY A 126 -7.23 13.84 18.66
N TYR A 127 -6.74 14.13 17.48
CA TYR A 127 -5.30 14.23 17.25
C TYR A 127 -4.99 15.49 16.48
N ASP A 128 -3.78 16.02 16.64
CA ASP A 128 -3.38 17.25 15.99
C ASP A 128 -3.10 17.05 14.51
N ARG A 129 -2.46 15.94 14.16
CA ARG A 129 -1.91 15.72 12.84
C ARG A 129 -2.21 14.32 12.33
N VAL A 130 -2.47 14.22 11.06
CA VAL A 130 -2.79 12.93 10.48
C VAL A 130 -1.87 12.67 9.32
N LEU A 131 -1.22 11.52 9.33
CA LEU A 131 -0.49 11.06 8.14
C LEU A 131 -1.26 9.92 7.44
N LEU A 132 -1.61 10.07 6.19
CA LEU A 132 -2.30 9.02 5.45
C LEU A 132 -1.31 8.22 4.62
N MET A 133 -1.29 6.91 4.81
CA MET A 133 -0.44 6.02 4.01
C MET A 133 -1.43 5.04 3.30
N ASN A 134 -0.94 3.95 2.75
CA ASN A 134 -1.76 3.04 1.96
C ASN A 134 -2.10 1.76 2.67
N THR A 135 -1.15 1.12 3.34
CA THR A 135 -1.34 -0.16 3.98
C THR A 135 -0.98 -0.12 5.43
N GLY A 136 -1.40 -1.17 6.12
CA GLY A 136 -1.07 -1.33 7.55
C GLY A 136 0.41 -1.36 7.80
N ALA A 137 1.08 -2.16 7.01
CA ALA A 137 2.53 -2.25 7.02
C ALA A 137 3.17 -0.84 6.85
N GLU A 138 2.67 -0.06 5.88
CA GLU A 138 3.21 1.28 5.71
C GLU A 138 2.92 2.13 6.94
N ALA A 139 1.75 1.97 7.57
CA ALA A 139 1.49 2.74 8.76
C ALA A 139 2.45 2.36 9.89
N GLY A 140 2.67 1.06 10.12
CA GLY A 140 3.62 0.61 11.14
C GLY A 140 5.04 1.12 10.85
N GLU A 141 5.51 0.99 9.61
CA GLU A 141 6.82 1.54 9.21
C GLU A 141 6.92 3.04 9.51
N SER A 142 5.90 3.81 9.11
CA SER A 142 5.89 5.26 9.32
C SER A 142 5.95 5.60 10.79
N ALA A 143 5.21 4.84 11.61
CA ALA A 143 5.19 5.09 13.02
C ALA A 143 6.52 4.78 13.63
N LEU A 144 7.19 3.74 13.12
CA LEU A 144 8.50 3.41 13.64
C LEU A 144 9.51 4.50 13.29
N LYS A 145 9.42 5.02 12.06
CA LYS A 145 10.28 6.11 11.61
C LYS A 145 10.05 7.36 12.45
N ILE A 146 8.78 7.66 12.75
CA ILE A 146 8.44 8.84 13.58
C ILE A 146 9.07 8.66 14.98
N ALA A 147 8.81 7.53 15.62
CA ALA A 147 9.31 7.29 16.97
C ALA A 147 10.83 7.38 17.08
N ARG A 148 11.53 6.87 16.05
CA ARG A 148 12.99 6.91 16.00
C ARG A 148 13.55 8.32 15.85
N LYS A 149 13.04 9.03 14.85
CA LYS A 149 13.48 10.40 14.60
C LYS A 149 13.17 11.32 15.80
N TRP A 150 11.98 11.17 16.37
CA TRP A 150 11.61 11.84 17.63
C TRP A 150 12.59 11.48 18.75
N ALA A 151 12.91 10.20 18.90
CA ALA A 151 13.90 9.80 19.91
C ALA A 151 15.28 10.49 19.71
N TYR A 152 15.75 10.55 18.47
CA TYR A 152 17.04 11.20 18.18
C TYR A 152 17.01 12.73 18.36
N GLU A 153 15.90 13.37 17.99
CA GLU A 153 15.83 14.83 17.89
C GLU A 153 15.19 15.52 19.10
N VAL A 154 14.21 14.90 19.75
CA VAL A 154 13.54 15.48 20.92
C VAL A 154 14.06 14.84 22.21
N LYS A 155 14.01 13.52 22.28
CA LYS A 155 14.56 12.79 23.42
C LYS A 155 16.09 12.83 23.46
N GLU A 156 16.74 13.13 22.33
CA GLU A 156 18.20 13.25 22.29
C GLU A 156 18.93 11.97 22.76
N ILE A 157 18.44 10.80 22.38
CA ILE A 157 19.20 9.58 22.64
C ILE A 157 20.38 9.48 21.63
N PRO A 158 21.39 8.67 21.92
CA PRO A 158 22.52 8.58 21.01
C PRO A 158 22.20 8.05 19.60
N PRO A 159 22.90 8.55 18.56
CA PRO A 159 22.72 8.13 17.16
C PRO A 159 22.71 6.60 16.94
N ASP A 160 21.75 6.15 16.13
CA ASP A 160 21.54 4.71 15.88
C ASP A 160 21.21 3.77 17.06
N SER A 161 20.97 4.30 18.25
CA SER A 161 20.78 3.45 19.44
C SER A 161 19.27 3.27 19.84
N ALA A 162 18.35 3.84 19.05
CA ALA A 162 16.91 3.81 19.41
C ALA A 162 16.40 2.38 19.44
N LYS A 163 15.66 2.03 20.49
CA LYS A 163 15.00 0.74 20.60
C LYS A 163 13.51 0.92 20.62
N VAL A 164 12.84 -0.07 20.05
CA VAL A 164 11.40 -0.18 20.11
C VAL A 164 11.05 -1.53 20.73
N ILE A 165 10.22 -1.50 21.77
CA ILE A 165 9.70 -2.67 22.44
C ILE A 165 8.44 -3.14 21.69
N LEU A 166 8.38 -4.42 21.34
CA LEU A 166 7.18 -5.07 20.81
C LEU A 166 6.93 -6.35 21.57
N CYS A 167 5.80 -6.97 21.28
CA CYS A 167 5.38 -8.19 21.94
C CYS A 167 5.54 -9.41 21.06
N ASN A 168 5.91 -10.52 21.68
CA ASN A 168 5.93 -11.80 21.00
C ASN A 168 4.56 -12.08 20.40
N ASN A 169 4.57 -12.69 19.21
CA ASN A 169 3.38 -12.96 18.41
C ASN A 169 2.72 -11.71 17.82
N ASN A 170 3.39 -10.56 17.84
CA ASN A 170 2.85 -9.41 17.14
C ASN A 170 2.75 -9.70 15.65
N TYR A 171 1.88 -8.95 14.99
CA TYR A 171 1.79 -8.92 13.55
C TYR A 171 1.51 -7.47 13.16
N TRP A 172 2.35 -6.89 12.34
CA TRP A 172 2.06 -5.57 11.82
C TRP A 172 2.37 -5.41 10.34
N GLY A 173 2.90 -6.42 9.69
CA GLY A 173 3.23 -6.33 8.26
C GLY A 173 4.20 -7.37 7.82
N ARG A 174 4.65 -7.23 6.58
CA ARG A 174 5.54 -8.19 5.94
C ARG A 174 6.78 -7.56 5.29
N THR A 175 7.03 -6.27 5.56
CA THR A 175 8.28 -5.66 5.18
C THR A 175 9.43 -6.38 5.91
N ILE A 176 10.64 -6.16 5.42
CA ILE A 176 11.82 -6.75 6.05
C ILE A 176 11.95 -6.26 7.50
N THR A 177 11.66 -4.99 7.76
CA THR A 177 11.70 -4.52 9.16
C THR A 177 10.59 -5.17 10.05
N ALA A 178 9.40 -5.39 9.51
CA ALA A 178 8.40 -6.18 10.22
C ALA A 178 8.88 -7.61 10.48
N CYS A 179 9.50 -8.25 9.49
CA CYS A 179 10.04 -9.59 9.66
C CYS A 179 11.10 -9.57 10.75
N SER A 180 11.88 -8.49 10.81
CA SER A 180 12.94 -8.31 11.78
C SER A 180 12.40 -8.20 13.22
N SER A 181 11.11 -7.89 13.41
CA SER A 181 10.52 -7.71 14.73
C SER A 181 9.45 -8.73 15.00
N SER A 182 9.45 -9.83 14.24
CA SER A 182 8.45 -10.89 14.37
C SER A 182 9.04 -12.04 15.19
N THR A 183 8.20 -12.80 15.89
CA THR A 183 8.66 -14.07 16.48
C THR A 183 8.06 -15.28 15.77
N THR A 184 7.45 -15.08 14.61
CA THR A 184 6.78 -16.16 13.90
C THR A 184 7.76 -16.64 12.81
N PHE A 185 8.19 -17.89 12.93
CA PHE A 185 9.18 -18.52 12.07
C PHE A 185 8.97 -18.27 10.56
N ASP A 186 7.78 -18.55 10.05
CA ASP A 186 7.53 -18.38 8.63
C ASP A 186 7.51 -16.93 8.17
N CYS A 187 7.29 -15.99 9.08
N CYS A 187 7.28 -15.98 9.08
CA CYS A 187 7.43 -14.59 8.74
CA CYS A 187 7.41 -14.55 8.75
C CYS A 187 8.88 -14.16 8.55
C CYS A 187 8.87 -14.14 8.56
N TYR A 188 9.82 -14.68 9.35
CA TYR A 188 11.23 -14.20 9.28
C TYR A 188 12.20 -15.11 8.53
N ASN A 189 11.92 -16.42 8.53
CA ASN A 189 12.91 -17.40 8.10
C ASN A 189 13.40 -17.10 6.68
N ASN A 190 14.70 -17.03 6.54
CA ASN A 190 15.39 -16.76 5.30
C ASN A 190 15.10 -15.42 4.61
N PHE A 191 14.74 -14.40 5.39
CA PHE A 191 14.51 -13.07 4.86
C PHE A 191 15.50 -12.08 5.43
N GLY A 192 16.46 -12.57 6.20
CA GLY A 192 17.47 -11.71 6.83
C GLY A 192 18.61 -11.38 5.86
N PRO A 193 19.61 -10.57 6.25
CA PRO A 193 19.76 -10.05 7.62
C PRO A 193 18.79 -8.93 8.00
N PHE A 194 18.56 -8.81 9.31
CA PHE A 194 17.46 -8.06 9.87
C PHE A 194 17.77 -6.68 10.35
N THR A 195 16.76 -5.82 10.35
CA THR A 195 16.85 -4.53 10.93
C THR A 195 17.04 -4.66 12.48
N PRO A 196 18.15 -4.15 13.02
CA PRO A 196 18.26 -4.17 14.47
C PRO A 196 17.38 -3.11 15.16
N GLY A 197 17.40 -3.15 16.47
CA GLY A 197 16.79 -2.13 17.31
C GLY A 197 15.44 -2.54 17.90
N PHE A 198 15.13 -3.85 17.88
CA PHE A 198 13.90 -4.36 18.51
C PHE A 198 14.14 -5.21 19.76
N GLU A 199 13.26 -5.04 20.74
CA GLU A 199 13.30 -5.76 21.98
C GLU A 199 11.92 -6.40 22.13
N LEU A 200 11.87 -7.74 22.03
CA LEU A 200 10.62 -8.50 22.14
C LEU A 200 10.32 -8.92 23.58
N ILE A 201 9.09 -8.70 24.05
CA ILE A 201 8.63 -9.22 25.38
C ILE A 201 7.31 -9.97 25.28
N ASP A 202 6.98 -10.76 26.29
CA ASP A 202 5.66 -11.36 26.36
C ASP A 202 4.59 -10.30 26.34
N TYR A 203 3.50 -10.64 25.65
CA TYR A 203 2.28 -9.86 25.62
C TYR A 203 1.63 -9.98 26.98
N ASP A 204 0.84 -8.99 27.39
CA ASP A 204 0.00 -9.10 28.59
C ASP A 204 0.85 -9.36 29.84
N ASP A 205 2.02 -8.72 29.89
CA ASP A 205 2.97 -8.90 31.00
C ASP A 205 3.59 -7.55 31.39
N VAL A 206 3.03 -6.96 32.43
CA VAL A 206 3.46 -5.65 32.90
C VAL A 206 4.91 -5.67 33.42
N GLY A 207 5.24 -6.70 34.20
CA GLY A 207 6.60 -6.87 34.72
C GLY A 207 7.64 -6.91 33.62
N ALA A 208 7.35 -7.61 32.52
CA ALA A 208 8.28 -7.68 31.39
C ALA A 208 8.41 -6.32 30.68
N LEU A 209 7.31 -5.58 30.56
CA LEU A 209 7.36 -4.23 29.98
C LEU A 209 8.22 -3.27 30.86
N GLU A 210 7.92 -3.28 32.16
CA GLU A 210 8.66 -2.52 33.18
C GLU A 210 10.21 -2.71 33.14
N GLU A 211 10.65 -3.96 33.10
CA GLU A 211 12.07 -4.26 32.94
C GLU A 211 12.65 -3.76 31.61
N ALA A 212 11.93 -3.94 30.51
CA ALA A 212 12.44 -3.44 29.22
C ALA A 212 12.56 -1.93 29.22
N LEU A 213 11.69 -1.24 29.97
CA LEU A 213 11.70 0.24 30.00
C LEU A 213 12.85 0.83 30.86
N LYS A 214 13.57 0.00 31.60
CA LYS A 214 14.80 0.48 32.26
C LYS A 214 15.93 0.95 31.30
N ASP A 215 15.91 0.53 30.04
CA ASP A 215 16.86 1.03 29.07
C ASP A 215 16.45 2.44 28.58
N PRO A 216 17.29 3.50 28.79
CA PRO A 216 16.92 4.85 28.37
C PRO A 216 16.88 5.08 26.88
N ASN A 217 17.42 4.17 26.06
CA ASN A 217 17.35 4.34 24.61
C ASN A 217 16.04 3.88 23.94
N VAL A 218 15.06 3.46 24.76
CA VAL A 218 13.77 3.06 24.25
C VAL A 218 13.01 4.29 23.73
N ALA A 219 12.63 4.22 22.46
CA ALA A 219 11.84 5.26 21.83
C ALA A 219 10.34 5.01 22.02
N ALA A 220 9.92 3.76 21.87
CA ALA A 220 8.50 3.42 21.92
C ALA A 220 8.19 1.99 22.37
N PHE A 221 6.94 1.81 22.81
CA PHE A 221 6.29 0.50 22.99
C PHE A 221 5.21 0.41 21.93
N PHE A 222 5.29 -0.59 21.08
CA PHE A 222 4.38 -0.80 19.94
C PHE A 222 3.59 -2.08 20.23
N VAL A 223 2.27 -1.91 20.31
CA VAL A 223 1.36 -2.88 20.92
C VAL A 223 -0.07 -2.85 20.36
N GLU A 224 -0.67 -4.02 20.34
CA GLU A 224 -2.03 -4.24 19.91
C GLU A 224 -2.94 -4.33 21.12
N PRO A 225 -4.14 -3.70 21.13
CA PRO A 225 -4.99 -3.87 22.31
C PRO A 225 -5.55 -5.31 22.49
N ILE A 226 -5.72 -6.03 21.39
CA ILE A 226 -5.90 -7.47 21.33
C ILE A 226 -5.01 -7.93 20.20
N GLN A 227 -4.25 -8.99 20.37
CA GLN A 227 -3.42 -9.48 19.29
C GLN A 227 -4.29 -10.29 18.31
N GLY A 228 -4.28 -9.92 17.04
CA GLY A 228 -5.19 -10.50 16.05
C GLY A 228 -4.64 -11.77 15.47
N GLU A 229 -3.65 -11.58 14.63
CA GLU A 229 -2.95 -12.70 13.99
C GLU A 229 -2.31 -13.65 14.99
N GLY A 230 -1.84 -13.12 16.10
CA GLY A 230 -1.34 -13.96 17.17
C GLY A 230 -2.34 -14.87 17.82
N GLY A 231 -3.64 -14.74 17.55
CA GLY A 231 -4.62 -15.63 18.12
C GLY A 231 -5.79 -15.08 18.86
N VAL A 232 -6.16 -13.81 18.58
CA VAL A 232 -7.17 -13.09 19.34
C VAL A 232 -6.84 -13.16 20.83
N ASN A 233 -5.62 -12.74 21.18
CA ASN A 233 -5.18 -12.78 22.58
C ASN A 233 -5.66 -11.52 23.28
N VAL A 234 -6.62 -11.65 24.16
CA VAL A 234 -7.19 -10.53 24.83
C VAL A 234 -6.42 -10.36 26.13
N PRO A 235 -5.78 -9.21 26.35
CA PRO A 235 -5.04 -9.09 27.61
C PRO A 235 -5.96 -8.92 28.85
N LYS A 236 -5.38 -8.95 30.05
CA LYS A 236 -6.13 -8.70 31.27
C LYS A 236 -6.60 -7.24 31.24
N PRO A 237 -7.80 -6.97 31.78
CA PRO A 237 -8.24 -5.56 31.77
C PRO A 237 -7.28 -4.64 32.58
N GLY A 238 -7.12 -3.42 32.08
CA GLY A 238 -6.12 -2.52 32.63
C GLY A 238 -4.72 -2.69 32.04
N TYR A 239 -4.47 -3.69 31.19
CA TYR A 239 -3.10 -3.94 30.73
C TYR A 239 -2.62 -2.74 29.93
N LEU A 240 -3.44 -2.24 29.03
CA LEU A 240 -3.07 -1.09 28.21
C LEU A 240 -2.95 0.21 29.03
N LYS A 241 -3.87 0.42 29.98
CA LYS A 241 -3.79 1.58 30.85
C LYS A 241 -2.46 1.59 31.58
N ARG A 242 -2.16 0.46 32.24
CA ARG A 242 -0.87 0.30 32.89
C ARG A 242 0.32 0.49 31.94
N ALA A 243 0.30 -0.10 30.75
CA ALA A 243 1.38 0.14 29.77
C ALA A 243 1.57 1.63 29.51
N HIS A 244 0.46 2.36 29.37
CA HIS A 244 0.56 3.77 29.10
C HIS A 244 1.22 4.56 30.25
N GLU A 245 0.80 4.32 31.48
CA GLU A 245 1.42 4.94 32.66
C GLU A 245 2.92 4.65 32.74
N LEU A 246 3.32 3.43 32.51
CA LEU A 246 4.75 3.13 32.53
C LEU A 246 5.50 3.85 31.41
N CYS A 247 4.99 3.80 30.19
CA CYS A 247 5.60 4.50 29.07
C CYS A 247 5.73 6.02 29.34
N ARG A 248 4.67 6.65 29.83
CA ARG A 248 4.67 8.08 30.13
C ARG A 248 5.72 8.44 31.19
N SER A 249 5.83 7.64 32.26
CA SER A 249 6.80 7.90 33.31
C SER A 249 8.26 7.82 32.82
N LYS A 250 8.52 7.09 31.73
CA LYS A 250 9.87 7.01 31.12
C LYS A 250 10.05 7.83 29.83
N ASN A 251 9.13 8.73 29.51
CA ASN A 251 9.17 9.48 28.26
C ASN A 251 9.30 8.55 27.03
N VAL A 252 8.52 7.49 27.03
CA VAL A 252 8.43 6.55 25.92
C VAL A 252 7.04 6.62 25.24
N LEU A 253 7.03 6.74 23.91
CA LEU A 253 5.78 6.74 23.16
C LEU A 253 5.08 5.41 23.18
N LEU A 254 3.78 5.43 23.46
CA LEU A 254 2.89 4.26 23.30
C LEU A 254 2.30 4.30 21.89
N ILE A 255 2.78 3.44 21.00
CA ILE A 255 2.20 3.30 19.64
C ILE A 255 1.15 2.17 19.68
N VAL A 256 -0.12 2.52 19.47
CA VAL A 256 -1.18 1.53 19.62
C VAL A 256 -1.69 1.22 18.23
N ASP A 257 -1.60 -0.04 17.86
CA ASP A 257 -2.04 -0.50 16.54
C ASP A 257 -3.50 -0.93 16.64
N GLU A 258 -4.38 -0.13 16.04
CA GLU A 258 -5.80 -0.45 16.00
C GLU A 258 -6.25 -0.76 14.56
N ILE A 259 -5.32 -1.22 13.73
CA ILE A 259 -5.65 -1.59 12.34
C ILE A 259 -6.71 -2.70 12.24
N GLN A 260 -6.65 -3.66 13.16
CA GLN A 260 -7.64 -4.73 13.30
C GLN A 260 -8.70 -4.48 14.39
N THR A 261 -8.27 -3.95 15.53
CA THR A 261 -9.18 -3.74 16.64
C THR A 261 -9.98 -2.45 16.62
N GLY A 262 -9.63 -1.50 15.80
CA GLY A 262 -10.26 -0.16 15.81
C GLY A 262 -11.57 -0.12 15.03
N LEU A 263 -12.19 1.05 15.00
CA LEU A 263 -13.31 1.28 14.14
C LEU A 263 -14.49 0.36 14.46
N CYS A 264 -14.83 0.32 15.77
CA CYS A 264 -16.09 -0.29 16.30
C CYS A 264 -16.05 -1.80 16.49
N ARG A 265 -14.98 -2.44 16.07
CA ARG A 265 -14.93 -3.91 15.98
C ARG A 265 -15.11 -4.53 17.37
N THR A 266 -14.52 -3.89 18.39
CA THR A 266 -14.56 -4.40 19.74
C THR A 266 -15.68 -3.81 20.60
N GLY A 267 -16.58 -3.01 20.02
CA GLY A 267 -17.70 -2.46 20.75
C GLY A 267 -17.48 -1.01 21.16
N ARG A 268 -16.31 -0.47 20.83
CA ARG A 268 -15.99 0.93 21.03
C ARG A 268 -15.28 1.46 19.77
N LEU A 269 -15.26 2.76 19.62
CA LEU A 269 -14.68 3.36 18.44
C LEU A 269 -13.25 2.85 18.27
N LEU A 270 -12.50 2.90 19.35
CA LEU A 270 -11.16 2.30 19.48
C LEU A 270 -11.16 1.27 20.60
N ALA A 271 -10.49 0.13 20.41
CA ALA A 271 -10.35 -0.83 21.47
C ALA A 271 -9.65 -0.20 22.68
N ALA A 272 -8.71 0.71 22.44
CA ALA A 272 -8.08 1.41 23.53
C ALA A 272 -9.04 2.20 24.44
N ASP A 273 -10.23 2.53 23.96
CA ASP A 273 -11.22 3.22 24.75
C ASP A 273 -11.68 2.37 25.96
N HIS A 274 -11.57 1.04 25.87
CA HIS A 274 -11.96 0.17 27.00
C HIS A 274 -11.13 0.48 28.25
N ASP A 275 -9.83 0.71 28.06
CA ASP A 275 -8.92 1.07 29.12
C ASP A 275 -8.81 2.59 29.34
N GLU A 276 -9.63 3.37 28.61
CA GLU A 276 -9.55 4.84 28.62
C GLU A 276 -8.16 5.36 28.18
N VAL A 277 -7.53 4.67 27.24
CA VAL A 277 -6.22 5.08 26.77
C VAL A 277 -6.34 5.89 25.45
N HIS A 278 -5.72 7.07 25.44
CA HIS A 278 -5.44 7.81 24.25
C HIS A 278 -3.96 7.58 23.78
N PRO A 279 -3.75 6.75 22.76
CA PRO A 279 -2.41 6.45 22.31
C PRO A 279 -1.61 7.66 21.93
N ASP A 280 -0.31 7.67 22.20
CA ASP A 280 0.55 8.75 21.72
C ASP A 280 0.60 8.77 20.19
N ILE A 281 0.70 7.58 19.59
CA ILE A 281 0.55 7.39 18.16
C ILE A 281 -0.46 6.29 17.94
N LEU A 282 -1.44 6.58 17.08
CA LEU A 282 -2.54 5.68 16.76
C LEU A 282 -2.37 5.24 15.32
N LEU A 283 -2.51 3.93 15.08
CA LEU A 283 -2.53 3.41 13.71
C LEU A 283 -3.90 2.92 13.36
N LEU A 284 -4.43 3.33 12.21
CA LEU A 284 -5.69 2.82 11.71
C LEU A 284 -5.49 2.33 10.30
N GLY A 285 -6.37 1.44 9.87
CA GLY A 285 -6.37 0.97 8.50
C GLY A 285 -7.57 0.12 8.25
N LYS A 286 -7.44 -0.79 7.29
CA LYS A 286 -8.41 -1.80 7.01
C LYS A 286 -9.84 -1.23 6.84
N SER A 287 -10.69 -1.30 7.85
CA SER A 287 -12.08 -0.80 7.73
C SER A 287 -12.17 0.73 7.64
N LEU A 288 -11.04 1.43 7.73
CA LEU A 288 -10.99 2.83 7.40
C LEU A 288 -11.52 3.13 6.02
N SER A 289 -11.41 2.15 5.11
CA SER A 289 -11.94 2.31 3.77
C SER A 289 -13.16 1.44 3.48
N ALA A 290 -13.70 0.75 4.49
CA ALA A 290 -14.72 -0.24 4.29
C ALA A 290 -14.32 -1.31 3.27
N GLY A 291 -13.02 -1.58 3.18
CA GLY A 291 -12.49 -2.68 2.35
C GLY A 291 -12.46 -2.37 0.87
N VAL A 292 -12.64 -1.08 0.51
CA VAL A 292 -12.82 -0.70 -0.86
C VAL A 292 -11.48 -0.37 -1.52
N VAL A 293 -10.63 0.36 -0.86
CA VAL A 293 -9.27 0.70 -1.29
C VAL A 293 -8.32 0.76 -0.07
N PRO A 294 -7.05 0.42 -0.24
CA PRO A 294 -6.10 0.47 0.86
C PRO A 294 -5.84 1.90 1.27
N ILE A 295 -6.16 2.21 2.51
CA ILE A 295 -5.74 3.45 3.14
C ILE A 295 -5.53 3.22 4.62
N SER A 296 -4.44 3.77 5.15
CA SER A 296 -4.07 3.65 6.54
C SER A 296 -3.76 5.04 7.07
N ALA A 297 -3.69 5.18 8.37
CA ALA A 297 -3.43 6.45 9.01
C ALA A 297 -2.56 6.27 10.25
N VAL A 298 -1.72 7.26 10.46
CA VAL A 298 -0.93 7.44 11.65
C VAL A 298 -1.28 8.81 12.20
N MET A 299 -1.70 8.85 13.45
CA MET A 299 -2.10 10.07 14.07
C MET A 299 -1.33 10.26 15.36
N GLY A 300 -1.01 11.51 15.65
CA GLY A 300 -0.26 11.86 16.85
C GLY A 300 -0.25 13.38 17.08
N ARG A 301 0.29 13.75 18.25
CA ARG A 301 0.37 15.17 18.64
C ARG A 301 1.46 15.86 17.82
N ALA A 302 1.34 17.18 17.68
CA ALA A 302 2.20 17.96 16.81
C ALA A 302 3.67 17.79 17.13
N ASP A 303 4.05 17.79 18.40
CA ASP A 303 5.49 17.75 18.67
C ASP A 303 6.12 16.40 18.33
N VAL A 304 5.30 15.36 18.12
CA VAL A 304 5.80 14.05 17.67
C VAL A 304 5.78 13.98 16.15
N MET A 305 4.62 14.23 15.57
CA MET A 305 4.40 14.03 14.13
C MET A 305 5.23 15.05 13.32
N ASP A 306 5.46 16.24 13.88
CA ASP A 306 6.20 17.28 13.13
C ASP A 306 7.69 16.96 12.89
N VAL A 307 8.20 15.87 13.45
CA VAL A 307 9.55 15.44 13.08
C VAL A 307 9.64 15.01 11.62
N LEU A 308 8.51 14.64 11.00
CA LEU A 308 8.54 14.32 9.59
C LEU A 308 8.47 15.58 8.75
N LYS A 309 9.62 16.17 8.54
CA LYS A 309 9.75 17.42 7.76
C LYS A 309 9.65 17.15 6.26
N PRO A 310 9.48 18.21 5.42
CA PRO A 310 9.44 18.01 3.97
C PRO A 310 10.64 17.25 3.44
N GLY A 311 10.39 16.26 2.58
CA GLY A 311 11.45 15.43 2.02
C GLY A 311 11.87 14.22 2.88
N THR A 312 11.44 14.12 4.14
CA THR A 312 11.92 12.99 4.98
C THR A 312 11.00 11.76 4.95
N HIS A 313 9.85 11.89 4.31
CA HIS A 313 8.95 10.80 4.18
C HIS A 313 7.97 11.18 3.09
N GLY A 314 7.37 10.17 2.47
CA GLY A 314 6.46 10.35 1.35
C GLY A 314 5.84 9.03 0.89
N SER A 315 4.99 9.15 -0.11
CA SER A 315 4.26 8.03 -0.71
C SER A 315 3.54 8.55 -1.97
N THR A 316 3.55 7.86 -3.07
CA THR A 316 2.77 8.29 -4.21
C THR A 316 1.25 8.37 -3.96
N PHE A 317 0.68 7.28 -3.49
CA PHE A 317 -0.77 7.24 -3.37
C PHE A 317 -1.30 7.67 -1.99
N GLY A 318 -0.41 7.86 -1.00
CA GLY A 318 -0.80 8.25 0.38
C GLY A 318 -1.60 9.53 0.34
N GLY A 319 -2.82 9.50 0.87
CA GLY A 319 -3.65 10.67 0.93
C GLY A 319 -4.25 11.10 -0.39
N ASN A 320 -4.33 10.18 -1.35
CA ASN A 320 -4.99 10.48 -2.59
C ASN A 320 -6.48 10.81 -2.36
N PRO A 321 -7.04 11.71 -3.17
CA PRO A 321 -8.42 12.16 -2.96
C PRO A 321 -9.47 11.09 -3.06
N LEU A 322 -9.27 10.09 -3.93
CA LEU A 322 -10.24 8.97 -4.01
C LEU A 322 -10.36 8.23 -2.66
N ALA A 323 -9.21 7.86 -2.11
CA ALA A 323 -9.14 7.21 -0.82
C ALA A 323 -9.71 8.07 0.31
N CYS A 324 -9.44 9.37 0.29
CA CYS A 324 -9.90 10.23 1.34
C CYS A 324 -11.42 10.30 1.28
N ALA A 325 -12.01 10.43 0.10
CA ALA A 325 -13.46 10.50 0.03
C ALA A 325 -14.14 9.17 0.50
N VAL A 326 -13.55 8.06 0.14
CA VAL A 326 -14.03 6.76 0.58
C VAL A 326 -13.89 6.69 2.09
N ALA A 327 -12.76 7.08 2.66
CA ALA A 327 -12.59 6.93 4.10
C ALA A 327 -13.55 7.78 4.92
N VAL A 328 -13.79 9.02 4.47
CA VAL A 328 -14.73 9.83 5.17
C VAL A 328 -16.13 9.19 5.12
N GLU A 329 -16.48 8.61 4.00
CA GLU A 329 -17.79 7.96 3.91
C GLU A 329 -17.83 6.72 4.83
N ALA A 330 -16.75 5.92 4.80
CA ALA A 330 -16.66 4.67 5.58
C ALA A 330 -16.75 4.95 7.09
N LEU A 331 -16.06 5.99 7.52
CA LEU A 331 -16.08 6.44 8.93
C LEU A 331 -17.46 6.92 9.35
N THR A 332 -18.16 7.64 8.46
CA THR A 332 -19.47 8.12 8.76
C THR A 332 -20.50 7.00 8.92
N VAL A 333 -20.38 5.94 8.10
CA VAL A 333 -21.18 4.74 8.24
C VAL A 333 -21.09 4.15 9.65
N LEU A 334 -19.88 4.11 10.21
CA LEU A 334 -19.71 3.60 11.58
C LEU A 334 -20.63 4.31 12.60
N LYS A 335 -20.67 5.64 12.49
CA LYS A 335 -21.42 6.48 13.40
C LYS A 335 -22.92 6.39 13.05
N ASP A 336 -23.26 6.59 11.79
CA ASP A 336 -24.67 6.55 11.38
C ASP A 336 -25.37 5.22 11.65
N GLU A 337 -24.69 4.08 11.50
CA GLU A 337 -25.34 2.78 11.77
C GLU A 337 -25.08 2.27 13.20
N LYS A 338 -24.42 3.07 14.02
CA LYS A 338 -24.17 2.74 15.42
C LYS A 338 -23.53 1.33 15.54
N LEU A 339 -22.44 1.15 14.80
CA LEU A 339 -21.85 -0.15 14.67
C LEU A 339 -21.10 -0.53 15.91
N ALA A 340 -20.65 0.44 16.71
CA ALA A 340 -20.04 0.10 17.99
C ALA A 340 -21.04 -0.61 18.91
N ASP A 341 -22.25 -0.06 18.96
CA ASP A 341 -23.29 -0.65 19.81
C ASP A 341 -23.69 -2.01 19.30
N ARG A 342 -23.84 -2.16 17.98
CA ARG A 342 -24.21 -3.47 17.39
C ARG A 342 -23.15 -4.53 17.69
N ALA A 343 -21.88 -4.17 17.57
CA ALA A 343 -20.80 -5.08 17.90
C ALA A 343 -20.77 -5.51 19.36
N GLU A 344 -20.96 -4.56 20.26
CA GLU A 344 -20.91 -4.85 21.70
C GLU A 344 -22.02 -5.86 22.01
N ARG A 345 -23.24 -5.59 21.48
CA ARG A 345 -24.42 -6.39 21.82
C ARG A 345 -24.33 -7.76 21.24
N LEU A 346 -24.18 -7.83 19.94
CA LEU A 346 -24.09 -9.12 19.25
C LEU A 346 -22.90 -9.97 19.70
N GLY A 347 -21.77 -9.34 19.98
CA GLY A 347 -20.60 -10.06 20.42
C GLY A 347 -20.75 -10.70 21.77
N ALA A 348 -21.40 -9.98 22.67
CA ALA A 348 -21.61 -10.49 24.02
C ALA A 348 -22.59 -11.65 23.96
N GLN A 349 -23.61 -11.58 23.07
CA GLN A 349 -24.55 -12.70 22.84
C GLN A 349 -23.84 -13.87 22.20
N PHE A 350 -23.05 -13.61 21.17
CA PHE A 350 -22.27 -14.69 20.56
C PHE A 350 -21.43 -15.48 21.55
N ARG A 351 -20.59 -14.80 22.31
CA ARG A 351 -19.71 -15.52 23.23
C ARG A 351 -20.53 -16.29 24.31
N ASP A 352 -21.60 -15.68 24.79
CA ASP A 352 -22.43 -16.30 25.79
C ASP A 352 -23.07 -17.55 25.23
N CYS A 353 -23.61 -17.46 24.01
N CYS A 353 -23.58 -17.45 24.01
CA CYS A 353 -24.23 -18.59 23.34
CA CYS A 353 -24.24 -18.57 23.37
C CYS A 353 -23.24 -19.74 23.15
C CYS A 353 -23.27 -19.75 23.05
N LEU A 354 -22.05 -19.42 22.60
CA LEU A 354 -21.08 -20.43 22.31
C LEU A 354 -20.65 -21.13 23.60
N ARG A 355 -20.40 -20.38 24.65
N ARG A 355 -20.39 -20.37 24.66
CA ARG A 355 -19.97 -21.00 25.88
CA ARG A 355 -19.99 -20.94 25.92
C ARG A 355 -21.08 -21.91 26.43
C ARG A 355 -21.07 -21.90 26.43
N ARG A 356 -22.33 -21.46 26.42
CA ARG A 356 -23.44 -22.27 26.95
C ARG A 356 -23.85 -23.46 26.06
N GLU A 357 -23.48 -23.46 24.79
CA GLU A 357 -23.87 -24.51 23.90
C GLU A 357 -22.72 -25.44 23.58
N LEU A 358 -21.47 -25.00 23.67
CA LEU A 358 -20.32 -25.81 23.30
C LEU A 358 -19.37 -26.27 24.44
N TYR A 359 -19.12 -25.46 25.47
CA TYR A 359 -18.09 -25.86 26.46
C TYR A 359 -18.36 -27.24 27.11
N GLY A 360 -19.55 -27.44 27.65
CA GLY A 360 -19.93 -28.68 28.26
C GLY A 360 -19.85 -29.88 27.34
N LYS A 361 -20.10 -29.67 26.07
CA LYS A 361 -20.27 -30.75 25.14
C LYS A 361 -19.05 -31.10 24.32
N VAL A 362 -18.09 -30.17 24.16
CA VAL A 362 -17.07 -30.30 23.14
C VAL A 362 -15.73 -30.22 23.83
N PRO A 363 -15.10 -31.36 24.09
CA PRO A 363 -13.90 -31.35 24.92
C PRO A 363 -12.66 -30.75 24.30
N TRP A 364 -12.63 -30.63 22.99
CA TRP A 364 -11.46 -30.14 22.26
C TRP A 364 -11.56 -28.64 21.94
N ILE A 365 -12.57 -27.95 22.47
CA ILE A 365 -12.58 -26.46 22.56
C ILE A 365 -11.94 -26.09 23.88
N LYS A 366 -10.79 -25.48 23.80
CA LYS A 366 -10.09 -25.00 24.99
C LYS A 366 -10.65 -23.67 25.49
N GLU A 367 -11.01 -22.76 24.58
CA GLU A 367 -11.42 -21.42 24.96
C GLU A 367 -12.17 -20.67 23.89
N ILE A 368 -13.19 -19.93 24.34
CA ILE A 368 -13.93 -18.99 23.54
C ILE A 368 -13.58 -17.66 24.15
N ARG A 369 -13.00 -16.76 23.36
CA ARG A 369 -12.55 -15.45 23.82
C ARG A 369 -12.78 -14.37 22.74
N GLY A 370 -12.77 -13.13 23.14
CA GLY A 370 -12.88 -11.99 22.26
C GLY A 370 -13.52 -10.79 22.93
N ARG A 371 -13.69 -9.70 22.18
CA ARG A 371 -14.40 -8.52 22.59
C ARG A 371 -15.14 -8.03 21.39
N GLY A 372 -16.35 -7.52 21.59
CA GLY A 372 -17.19 -7.12 20.46
C GLY A 372 -17.42 -8.28 19.50
N LEU A 373 -17.28 -8.01 18.21
CA LEU A 373 -17.37 -9.00 17.20
C LEU A 373 -16.00 -9.39 16.69
N LEU A 374 -15.02 -9.30 17.56
CA LEU A 374 -13.71 -9.91 17.33
C LEU A 374 -13.56 -11.15 18.23
N ASN A 375 -13.99 -12.30 17.72
CA ASN A 375 -14.05 -13.51 18.54
C ASN A 375 -13.30 -14.70 17.98
N ALA A 376 -12.95 -15.61 18.86
CA ALA A 376 -12.19 -16.75 18.50
C ALA A 376 -12.59 -17.98 19.34
N VAL A 377 -12.43 -19.15 18.73
CA VAL A 377 -12.55 -20.42 19.40
C VAL A 377 -11.25 -21.17 19.19
N GLU A 378 -10.48 -21.31 20.25
CA GLU A 378 -9.27 -22.08 20.21
C GLU A 378 -9.54 -23.55 20.41
N VAL A 379 -9.10 -24.40 19.44
CA VAL A 379 -9.28 -25.80 19.50
C VAL A 379 -7.97 -26.52 19.84
N ASP A 380 -8.11 -27.74 20.32
CA ASP A 380 -6.93 -28.59 20.60
C ASP A 380 -6.64 -29.41 19.35
N SER A 381 -5.62 -28.99 18.61
CA SER A 381 -5.24 -29.63 17.37
C SER A 381 -4.53 -30.97 17.55
N ASP A 382 -4.18 -31.33 18.79
CA ASP A 382 -3.79 -32.74 19.05
C ASP A 382 -4.96 -33.67 19.16
N ALA A 383 -6.18 -33.15 19.32
CA ALA A 383 -7.39 -33.95 19.43
C ALA A 383 -8.28 -33.95 18.18
N ILE A 384 -8.28 -32.88 17.42
CA ILE A 384 -9.12 -32.68 16.27
C ILE A 384 -8.28 -32.03 15.17
N ASP A 385 -8.60 -32.31 13.94
CA ASP A 385 -7.99 -31.61 12.82
C ASP A 385 -8.78 -30.33 12.64
N PRO A 386 -8.15 -29.18 12.90
CA PRO A 386 -8.88 -27.93 12.74
C PRO A 386 -9.52 -27.72 11.38
N ASN A 387 -8.85 -28.22 10.34
CA ASN A 387 -9.41 -28.15 9.01
C ASN A 387 -10.78 -28.89 8.82
N ASP A 388 -11.04 -29.91 9.61
CA ASP A 388 -12.40 -30.48 9.68
C ASP A 388 -13.46 -29.49 10.16
N VAL A 389 -13.11 -28.61 11.06
CA VAL A 389 -13.99 -27.58 11.53
C VAL A 389 -14.21 -26.54 10.43
N VAL A 390 -13.13 -26.12 9.78
CA VAL A 390 -13.24 -25.17 8.70
C VAL A 390 -14.19 -25.70 7.60
N MET A 391 -13.99 -26.97 7.20
N MET A 391 -14.02 -26.95 7.18
CA MET A 391 -14.79 -27.64 6.15
CA MET A 391 -14.83 -27.43 6.07
C MET A 391 -16.28 -27.72 6.54
C MET A 391 -16.29 -27.80 6.49
N LYS A 392 -16.51 -28.12 7.78
CA LYS A 392 -17.84 -28.28 8.26
C LYS A 392 -18.56 -26.91 8.33
N LEU A 393 -17.86 -25.88 8.78
CA LEU A 393 -18.42 -24.55 8.74
C LEU A 393 -18.87 -24.13 7.34
N LYS A 394 -18.00 -24.33 6.36
CA LYS A 394 -18.29 -24.06 4.99
C LYS A 394 -19.52 -24.82 4.47
N GLU A 395 -19.57 -26.10 4.76
CA GLU A 395 -20.72 -26.89 4.41
C GLU A 395 -22.02 -26.32 5.04
N ASN A 396 -21.92 -25.70 6.22
CA ASN A 396 -23.04 -25.07 6.89
C ASN A 396 -23.15 -23.59 6.61
N GLY A 397 -22.53 -23.14 5.54
CA GLY A 397 -22.75 -21.77 5.04
C GLY A 397 -21.98 -20.67 5.77
N ILE A 398 -20.84 -21.01 6.39
CA ILE A 398 -20.00 -20.10 7.13
C ILE A 398 -18.58 -20.18 6.56
N LEU A 399 -18.01 -19.04 6.12
CA LEU A 399 -16.63 -18.95 5.65
C LEU A 399 -15.73 -18.27 6.69
N SER A 400 -14.69 -19.00 7.11
CA SER A 400 -13.59 -18.42 7.84
C SER A 400 -12.30 -19.19 7.63
N LYS A 401 -11.23 -18.58 8.09
CA LYS A 401 -9.87 -19.15 8.04
C LYS A 401 -9.28 -18.94 9.43
N PRO A 402 -8.75 -20.02 10.06
CA PRO A 402 -8.11 -19.88 11.36
C PRO A 402 -6.76 -19.14 11.31
N THR A 403 -6.26 -18.74 12.45
CA THR A 403 -4.89 -18.25 12.52
C THR A 403 -4.14 -19.22 13.46
N ARG A 404 -2.84 -19.36 13.19
CA ARG A 404 -1.93 -20.26 13.94
C ARG A 404 -2.44 -21.69 13.99
N GLY A 405 -3.08 -22.14 12.90
CA GLY A 405 -3.45 -23.57 12.78
C GLY A 405 -4.76 -23.82 13.54
N ARG A 406 -4.85 -23.40 14.79
CA ARG A 406 -5.89 -23.84 15.70
C ARG A 406 -6.81 -22.78 16.34
N VAL A 407 -6.62 -21.50 15.99
CA VAL A 407 -7.49 -20.47 16.47
C VAL A 407 -8.53 -20.15 15.39
N MET A 408 -9.73 -20.64 15.62
CA MET A 408 -10.86 -20.38 14.73
C MET A 408 -11.29 -18.93 15.00
N ARG A 409 -11.45 -18.17 13.93
CA ARG A 409 -11.78 -16.73 13.98
C ARG A 409 -13.18 -16.49 13.54
N PHE A 410 -13.92 -15.68 14.29
CA PHE A 410 -15.30 -15.31 13.93
C PHE A 410 -15.39 -13.82 13.96
N ILE A 411 -15.28 -13.26 12.77
CA ILE A 411 -15.14 -11.81 12.56
C ILE A 411 -16.05 -11.41 11.40
N PRO A 412 -17.35 -11.26 11.66
CA PRO A 412 -18.28 -10.94 10.57
C PRO A 412 -18.30 -9.42 10.38
N PRO A 413 -18.84 -8.95 9.26
CA PRO A 413 -19.15 -7.51 9.17
C PRO A 413 -20.09 -7.04 10.31
N LEU A 414 -19.81 -5.87 10.88
CA LEU A 414 -20.60 -5.37 11.97
C LEU A 414 -22.03 -5.08 11.59
N VAL A 415 -22.26 -4.86 10.29
CA VAL A 415 -23.61 -4.66 9.75
C VAL A 415 -24.51 -5.89 9.73
N ILE A 416 -23.99 -7.05 10.10
CA ILE A 416 -24.77 -8.25 10.17
C ILE A 416 -26.06 -7.98 10.99
N THR A 417 -27.21 -8.34 10.41
CA THR A 417 -28.48 -8.07 11.07
C THR A 417 -28.70 -9.04 12.21
N ASP A 418 -29.63 -8.74 13.11
CA ASP A 418 -29.94 -9.61 14.21
C ASP A 418 -30.35 -10.97 13.69
N GLU A 419 -31.18 -11.00 12.66
CA GLU A 419 -31.63 -12.24 12.11
C GLU A 419 -30.50 -13.05 11.47
N GLU A 420 -29.64 -12.43 10.69
CA GLU A 420 -28.50 -13.08 10.07
C GLU A 420 -27.54 -13.62 11.12
N HIS A 421 -27.29 -12.84 12.17
CA HIS A 421 -26.38 -13.19 13.21
C HIS A 421 -26.88 -14.40 14.03
N ARG A 422 -28.16 -14.45 14.31
CA ARG A 422 -28.78 -15.59 14.93
C ARG A 422 -28.67 -16.85 14.06
N ASP A 423 -29.04 -16.73 12.79
CA ASP A 423 -28.91 -17.81 11.80
C ASP A 423 -27.43 -18.30 11.72
N ALA A 424 -26.50 -17.34 11.63
CA ALA A 424 -25.10 -17.66 11.56
C ALA A 424 -24.63 -18.39 12.83
N THR A 425 -25.04 -17.91 13.98
CA THR A 425 -24.66 -18.52 15.23
C THR A 425 -25.18 -19.97 15.34
N THR A 426 -26.41 -20.20 14.92
CA THR A 426 -26.94 -21.56 14.83
C THR A 426 -26.09 -22.46 13.94
N ARG A 427 -25.73 -21.95 12.77
CA ARG A 427 -24.87 -22.72 11.83
C ARG A 427 -23.49 -23.03 12.42
N ILE A 428 -22.93 -22.08 13.14
CA ILE A 428 -21.63 -22.25 13.75
C ILE A 428 -21.67 -23.33 14.86
N ILE A 429 -22.65 -23.22 15.78
CA ILE A 429 -22.82 -24.20 16.84
C ILE A 429 -23.04 -25.62 16.28
N LYS A 430 -23.88 -25.72 15.28
CA LYS A 430 -24.12 -26.98 14.63
C LYS A 430 -22.87 -27.57 13.96
N SER A 431 -22.00 -26.73 13.40
CA SER A 431 -20.78 -27.19 12.85
C SER A 431 -19.86 -27.83 13.89
N PHE A 432 -19.65 -27.15 15.02
CA PHE A 432 -18.79 -27.67 16.05
C PHE A 432 -19.37 -28.98 16.63
N LEU A 433 -20.67 -29.01 16.90
CA LEU A 433 -21.26 -30.23 17.46
C LEU A 433 -21.18 -31.40 16.47
N ALA A 434 -21.22 -31.11 15.16
CA ALA A 434 -21.18 -32.23 14.20
C ALA A 434 -19.79 -32.81 14.15
N VAL A 435 -18.77 -31.96 14.25
CA VAL A 435 -17.40 -32.50 14.24
C VAL A 435 -17.18 -33.34 15.51
N GLU A 436 -17.75 -32.92 16.63
CA GLU A 436 -17.68 -33.70 17.84
C GLU A 436 -18.37 -35.03 17.74
N GLU A 437 -19.55 -35.04 17.13
CA GLU A 437 -20.24 -36.30 16.85
C GLU A 437 -19.39 -37.28 16.01
N GLU A 438 -18.72 -36.83 14.94
CA GLU A 438 -17.77 -37.70 14.19
C GLU A 438 -16.62 -38.16 15.11
N ARG A 439 -16.07 -37.28 15.96
CA ARG A 439 -14.95 -37.65 16.85
C ARG A 439 -15.33 -38.76 17.82
N LYS A 440 -16.54 -38.73 18.40
CA LYS A 440 -16.95 -39.78 19.34
C LYS A 440 -16.92 -41.17 18.72
N LYS A 441 -17.21 -41.25 17.42
CA LYS A 441 -17.30 -42.53 16.67
C LYS A 441 -15.95 -43.14 16.42
N ARG B 18 -27.30 12.60 -4.46
CA ARG B 18 -26.84 12.66 -3.03
C ARG B 18 -25.42 13.27 -2.84
N LYS B 19 -25.29 14.18 -1.87
CA LYS B 19 -23.93 14.67 -1.49
C LYS B 19 -23.14 13.61 -0.66
N THR B 20 -21.91 13.34 -1.08
CA THR B 20 -21.02 12.50 -0.29
C THR B 20 -20.68 13.20 1.01
N ASN B 21 -20.31 12.43 1.99
CA ASN B 21 -19.94 13.02 3.27
C ASN B 21 -18.75 13.98 3.19
N ILE B 22 -17.76 13.69 2.35
CA ILE B 22 -16.62 14.62 2.23
C ILE B 22 -17.08 16.01 1.69
N GLU B 23 -17.99 16.01 0.73
CA GLU B 23 -18.49 17.23 0.13
C GLU B 23 -19.30 18.03 1.15
N ALA B 24 -20.22 17.36 1.85
CA ALA B 24 -21.03 17.99 2.88
C ALA B 24 -20.17 18.52 3.99
N TYR B 25 -19.19 17.73 4.44
CA TYR B 25 -18.28 18.17 5.50
C TYR B 25 -17.44 19.40 5.06
N ARG B 26 -16.90 19.35 3.86
CA ARG B 26 -16.09 20.46 3.31
C ARG B 26 -16.87 21.76 3.18
N ASP B 27 -18.07 21.69 2.62
CA ASP B 27 -18.97 22.84 2.57
C ASP B 27 -19.11 23.57 3.90
N GLY B 28 -19.16 22.83 5.01
CA GLY B 28 -19.29 23.42 6.32
C GLY B 28 -18.03 24.12 6.80
N LEU B 29 -16.87 23.83 6.20
CA LEU B 29 -15.63 24.50 6.57
C LEU B 29 -15.47 25.93 6.01
N LYS B 30 -16.18 26.26 4.94
CA LYS B 30 -16.04 27.51 4.20
C LYS B 30 -14.59 27.76 3.79
N LEU B 31 -13.99 26.72 3.19
CA LEU B 31 -12.70 26.92 2.51
C LEU B 31 -13.00 27.43 1.14
N LYS B 32 -12.75 28.72 0.89
CA LYS B 32 -13.05 29.35 -0.38
C LYS B 32 -11.83 29.66 -1.21
N THR B 33 -10.72 30.02 -0.61
CA THR B 33 -9.55 30.38 -1.40
C THR B 33 -8.51 29.30 -1.26
N GLU B 34 -7.52 29.37 -2.10
CA GLU B 34 -6.40 28.48 -2.02
C GLU B 34 -5.71 28.55 -0.67
N GLU B 35 -5.56 29.77 -0.16
CA GLU B 35 -4.90 29.93 1.11
C GLU B 35 -5.71 29.34 2.24
N ASP B 36 -7.04 29.26 2.12
CA ASP B 36 -7.86 28.54 3.13
C ASP B 36 -7.49 27.03 3.15
N PHE B 37 -7.33 26.46 1.95
CA PHE B 37 -6.94 25.06 1.84
C PHE B 37 -5.53 24.87 2.37
N PHE B 38 -4.62 25.80 2.06
CA PHE B 38 -3.22 25.63 2.55
C PHE B 38 -3.20 25.72 4.07
N ALA B 39 -4.05 26.56 4.68
CA ALA B 39 -4.10 26.62 6.15
C ALA B 39 -4.68 25.39 6.82
N CYS B 40 -5.70 24.80 6.21
CA CYS B 40 -6.31 23.55 6.70
C CYS B 40 -5.27 22.42 6.63
N ASP B 41 -4.63 22.32 5.48
CA ASP B 41 -3.47 21.47 5.30
C ASP B 41 -2.44 21.55 6.37
N ARG B 42 -1.98 22.77 6.61
CA ARG B 42 -0.93 23.03 7.60
C ARG B 42 -1.30 22.61 8.99
N GLN B 43 -2.57 22.77 9.35
CA GLN B 43 -3.04 22.52 10.70
C GLN B 43 -3.22 21.00 10.93
N TYR B 44 -3.78 20.27 9.97
CA TYR B 44 -4.25 18.90 10.20
C TYR B 44 -3.46 17.74 9.46
N VAL B 45 -2.75 18.04 8.39
CA VAL B 45 -2.04 17.07 7.58
C VAL B 45 -0.58 17.04 8.09
N CYS B 46 -0.06 15.83 8.34
CA CYS B 46 1.35 15.65 8.64
C CYS B 46 2.18 16.45 7.62
N GLN B 47 3.14 17.23 8.10
CA GLN B 47 3.75 18.31 7.27
C GLN B 47 5.04 17.80 6.56
N ASN B 48 4.99 16.61 5.98
CA ASN B 48 6.15 15.97 5.35
C ASN B 48 6.27 16.24 3.84
N TYR B 49 5.42 17.14 3.33
CA TYR B 49 5.59 17.73 2.05
C TYR B 49 5.58 19.24 2.16
N ALA B 50 6.32 19.86 1.25
CA ALA B 50 6.26 21.30 0.94
C ALA B 50 4.79 21.80 0.77
N PRO B 53 1.40 25.28 -3.75
CA PRO B 53 1.29 26.31 -4.75
C PRO B 53 -0.09 26.38 -5.51
N VAL B 54 -0.89 25.31 -5.48
CA VAL B 54 -2.14 25.22 -6.27
C VAL B 54 -3.09 24.25 -5.60
N VAL B 55 -4.39 24.45 -5.77
CA VAL B 55 -5.37 23.54 -5.20
C VAL B 55 -6.22 22.99 -6.31
N ILE B 56 -5.98 21.74 -6.69
CA ILE B 56 -6.65 21.05 -7.80
C ILE B 56 -7.95 20.44 -7.34
N SER B 57 -9.03 20.64 -8.11
CA SER B 57 -10.29 19.98 -7.81
C SER B 57 -10.77 19.00 -8.82
N LYS B 58 -10.26 19.06 -10.04
CA LYS B 58 -10.76 18.23 -11.12
C LYS B 58 -9.61 17.88 -12.07
N GLY B 59 -9.65 16.68 -12.63
CA GLY B 59 -8.72 16.27 -13.66
C GLY B 59 -9.42 15.56 -14.80
N LYS B 60 -8.95 15.76 -16.01
CA LYS B 60 -9.47 15.02 -17.15
C LYS B 60 -8.38 14.95 -18.18
N GLY B 61 -7.92 13.72 -18.50
CA GLY B 61 -6.87 13.50 -19.47
C GLY B 61 -5.58 14.15 -19.02
N ALA B 62 -5.08 15.07 -19.83
CA ALA B 62 -3.83 15.79 -19.58
C ALA B 62 -4.00 17.09 -18.84
N ARG B 63 -5.27 17.45 -18.56
N ARG B 63 -5.24 17.48 -18.55
CA ARG B 63 -5.68 18.74 -17.99
CA ARG B 63 -5.49 18.72 -17.86
C ARG B 63 -6.19 18.59 -16.53
C ARG B 63 -6.05 18.52 -16.46
N VAL B 64 -5.87 19.57 -15.66
CA VAL B 64 -6.46 19.71 -14.35
C VAL B 64 -6.90 21.16 -14.16
N TRP B 65 -7.83 21.35 -13.25
CA TRP B 65 -8.46 22.62 -12.99
C TRP B 65 -8.32 22.88 -11.50
N ASP B 66 -7.96 24.11 -11.16
CA ASP B 66 -7.92 24.52 -9.78
C ASP B 66 -9.33 24.91 -9.28
N ILE B 67 -9.41 25.22 -7.99
CA ILE B 67 -10.69 25.58 -7.40
C ILE B 67 -11.30 26.87 -7.98
N ASN B 68 -10.52 27.72 -8.63
CA ASN B 68 -11.03 28.90 -9.28
C ASN B 68 -11.32 28.73 -10.74
N GLY B 69 -11.35 27.49 -11.25
CA GLY B 69 -11.64 27.25 -12.65
C GLY B 69 -10.48 27.42 -13.64
N ASN B 70 -9.28 27.81 -13.19
CA ASN B 70 -8.09 27.91 -14.09
C ASN B 70 -7.62 26.51 -14.50
N GLU B 71 -7.22 26.40 -15.75
CA GLU B 71 -6.83 25.15 -16.39
C GLU B 71 -5.33 25.09 -16.49
N TYR B 72 -4.80 23.88 -16.35
CA TYR B 72 -3.39 23.64 -16.48
C TYR B 72 -3.17 22.35 -17.21
N TYR B 73 -1.99 22.19 -17.77
CA TYR B 73 -1.49 20.86 -18.11
C TYR B 73 -0.75 20.27 -16.89
N ASP B 74 -1.08 19.03 -16.56
CA ASP B 74 -0.36 18.27 -15.55
C ASP B 74 0.87 17.64 -16.20
N PHE B 75 2.05 18.18 -15.91
CA PHE B 75 3.30 17.63 -16.36
C PHE B 75 4.07 16.91 -15.26
N LEU B 76 3.37 16.45 -14.23
CA LEU B 76 3.92 15.47 -13.30
C LEU B 76 3.18 14.10 -13.35
N ALA B 77 1.86 14.17 -13.54
CA ALA B 77 1.06 12.98 -13.81
C ALA B 77 1.34 11.88 -12.77
N GLY B 78 1.36 12.26 -11.49
CA GLY B 78 1.56 11.29 -10.40
C GLY B 78 2.91 10.63 -10.46
N VAL B 79 3.90 11.36 -11.01
CA VAL B 79 5.21 10.82 -11.35
C VAL B 79 5.07 9.51 -12.10
N SER B 80 4.37 9.63 -13.21
CA SER B 80 4.05 8.52 -14.13
C SER B 80 3.05 7.49 -13.61
N SER B 81 2.11 7.93 -12.77
CA SER B 81 1.00 7.09 -12.35
C SER B 81 -0.21 7.33 -13.22
N LEU B 82 -0.24 8.47 -13.92
CA LEU B 82 -1.42 8.87 -14.68
C LEU B 82 -1.16 8.87 -16.15
N SER B 83 -0.43 7.87 -16.61
CA SER B 83 -0.12 7.79 -18.01
C SER B 83 -1.35 7.78 -18.91
N GLN B 84 -2.45 7.17 -18.43
CA GLN B 84 -3.65 7.03 -19.17
C GLN B 84 -4.54 8.30 -19.05
N GLY B 85 -4.06 9.31 -18.31
CA GLY B 85 -4.77 10.55 -18.12
C GLY B 85 -5.63 10.52 -16.87
N HIS B 86 -6.03 11.67 -16.38
CA HIS B 86 -6.91 11.74 -15.21
C HIS B 86 -8.29 11.23 -15.60
N CYS B 87 -8.94 10.46 -14.72
CA CYS B 87 -10.33 10.07 -14.92
C CYS B 87 -10.63 9.52 -16.32
N HIS B 88 -9.86 8.53 -16.73
CA HIS B 88 -10.12 7.85 -17.98
C HIS B 88 -11.45 7.12 -17.93
N PRO B 89 -12.32 7.41 -18.90
CA PRO B 89 -13.67 6.88 -18.69
C PRO B 89 -13.76 5.32 -18.65
N ARG B 90 -12.91 4.62 -19.38
CA ARG B 90 -12.95 3.18 -19.32
C ARG B 90 -12.47 2.69 -17.98
N VAL B 91 -11.45 3.33 -17.43
CA VAL B 91 -10.92 2.89 -16.18
C VAL B 91 -11.93 3.13 -15.07
N ILE B 92 -12.56 4.29 -15.06
CA ILE B 92 -13.61 4.56 -14.08
C ILE B 92 -14.81 3.59 -14.20
N ALA B 93 -15.24 3.30 -15.42
CA ALA B 93 -16.31 2.35 -15.61
C ALA B 93 -15.91 0.96 -15.05
N ALA B 94 -14.69 0.52 -15.29
CA ALA B 94 -14.28 -0.78 -14.78
C ALA B 94 -14.27 -0.76 -13.22
N LEU B 95 -13.81 0.37 -12.64
CA LEU B 95 -13.78 0.56 -11.22
C LEU B 95 -15.18 0.47 -10.61
N CYS B 96 -16.07 1.29 -11.11
CA CYS B 96 -17.41 1.36 -10.64
C CYS B 96 -18.15 0.03 -10.80
N ARG B 97 -18.01 -0.64 -11.94
CA ARG B 97 -18.69 -1.93 -12.16
C ARG B 97 -18.21 -2.99 -11.12
N GLN B 98 -16.90 -3.13 -10.99
CA GLN B 98 -16.37 -4.08 -10.03
C GLN B 98 -16.69 -3.71 -8.57
N ALA B 99 -16.63 -2.41 -8.23
CA ALA B 99 -16.86 -1.98 -6.88
C ALA B 99 -18.26 -2.28 -6.38
N GLU B 100 -19.25 -2.30 -7.26
CA GLU B 100 -20.59 -2.64 -6.86
C GLU B 100 -20.82 -4.16 -6.61
N ARG B 101 -19.92 -4.99 -7.17
CA ARG B 101 -20.05 -6.41 -7.13
C ARG B 101 -19.24 -7.07 -6.00
N LEU B 102 -17.95 -6.72 -5.92
CA LEU B 102 -17.01 -7.32 -4.95
C LEU B 102 -15.72 -6.55 -4.94
N THR B 103 -15.27 -6.06 -3.78
CA THR B 103 -14.00 -5.37 -3.70
C THR B 103 -12.87 -6.10 -3.06
N LEU B 104 -13.19 -6.94 -2.07
CA LEU B 104 -12.18 -7.55 -1.24
C LEU B 104 -12.66 -8.90 -0.76
N THR B 105 -11.82 -9.93 -0.92
CA THR B 105 -12.07 -11.23 -0.34
C THR B 105 -11.00 -11.65 0.68
N LEU B 106 -9.79 -11.11 0.54
CA LEU B 106 -8.55 -11.65 0.97
C LEU B 106 -8.17 -12.81 0.06
N ARG B 107 -6.87 -13.09 0.03
CA ARG B 107 -6.36 -14.27 -0.66
C ARG B 107 -6.52 -15.57 0.14
N ALA B 108 -7.05 -15.48 1.38
CA ALA B 108 -7.56 -16.64 2.13
C ALA B 108 -8.78 -17.29 1.48
N PHE B 109 -9.49 -16.57 0.62
CA PHE B 109 -10.59 -17.18 -0.14
C PHE B 109 -10.28 -16.99 -1.60
N GLY B 110 -10.75 -17.86 -2.48
CA GLY B 110 -10.66 -17.60 -3.91
C GLY B 110 -11.74 -16.60 -4.35
N ASN B 111 -11.57 -16.10 -5.57
CA ASN B 111 -12.57 -15.28 -6.21
C ASN B 111 -12.39 -15.39 -7.73
N ASP B 112 -13.28 -14.73 -8.48
CA ASP B 112 -13.35 -14.91 -9.92
C ASP B 112 -12.59 -13.82 -10.70
N VAL B 113 -11.66 -13.11 -10.04
CA VAL B 113 -10.99 -11.99 -10.65
C VAL B 113 -9.44 -12.12 -10.56
N THR B 114 -8.92 -12.47 -9.38
CA THR B 114 -7.47 -12.41 -9.14
C THR B 114 -6.69 -13.30 -10.08
N GLY B 115 -7.13 -14.56 -10.21
CA GLY B 115 -6.55 -15.50 -11.14
C GLY B 115 -6.48 -14.98 -12.56
N PRO B 116 -7.63 -14.66 -13.13
CA PRO B 116 -7.62 -14.14 -14.48
C PRO B 116 -6.79 -12.90 -14.68
N ALA B 117 -6.77 -12.01 -13.71
CA ALA B 117 -5.96 -10.79 -13.81
C ALA B 117 -4.46 -11.09 -13.82
N CYS B 118 -4.03 -12.04 -13.00
CA CYS B 118 -2.64 -12.42 -12.94
C CYS B 118 -2.27 -13.13 -14.23
N ARG B 119 -3.16 -13.97 -14.75
CA ARG B 119 -2.91 -14.56 -16.05
C ARG B 119 -2.76 -13.48 -17.14
N PHE B 120 -3.64 -12.51 -17.16
CA PHE B 120 -3.55 -11.39 -18.11
C PHE B 120 -2.17 -10.73 -18.01
N MET B 121 -1.71 -10.45 -16.82
CA MET B 121 -0.41 -9.82 -16.64
C MET B 121 0.74 -10.75 -17.01
N ALA B 122 0.66 -12.00 -16.59
CA ALA B 122 1.66 -13.00 -16.94
C ALA B 122 1.89 -13.10 -18.45
N GLU B 123 0.80 -13.17 -19.18
CA GLU B 123 0.86 -13.24 -20.60
C GLU B 123 1.36 -11.90 -21.21
N MET B 124 0.91 -10.75 -20.70
CA MET B 124 1.33 -9.49 -21.30
C MET B 124 2.84 -9.24 -21.14
N PHE B 125 3.41 -9.56 -20.01
CA PHE B 125 4.83 -9.25 -19.72
C PHE B 125 5.79 -10.42 -19.84
N GLY B 126 5.27 -11.64 -19.98
CA GLY B 126 6.09 -12.82 -20.33
C GLY B 126 6.67 -13.47 -19.09
N TYR B 127 5.87 -13.69 -18.03
CA TYR B 127 6.38 -14.30 -16.79
C TYR B 127 5.54 -15.44 -16.32
N ASP B 128 6.10 -16.30 -15.51
CA ASP B 128 5.33 -17.48 -14.98
C ASP B 128 4.37 -17.12 -13.87
N ARG B 129 4.81 -16.28 -12.93
CA ARG B 129 4.07 -15.97 -11.73
C ARG B 129 3.99 -14.47 -11.45
N VAL B 130 2.85 -14.03 -10.90
CA VAL B 130 2.65 -12.65 -10.52
C VAL B 130 2.29 -12.56 -9.03
N LEU B 131 3.02 -11.72 -8.31
CA LEU B 131 2.70 -11.38 -6.95
C LEU B 131 2.12 -9.98 -7.00
N LEU B 132 0.86 -9.84 -6.57
CA LEU B 132 0.24 -8.50 -6.46
C LEU B 132 0.32 -7.91 -5.06
N MET B 133 0.85 -6.69 -4.96
CA MET B 133 0.94 -5.96 -3.68
C MET B 133 0.27 -4.60 -3.96
N ASN B 134 0.44 -3.64 -3.08
CA ASN B 134 -0.32 -2.42 -3.20
C ASN B 134 0.48 -1.22 -3.62
N THR B 135 1.70 -1.04 -3.15
CA THR B 135 2.51 0.14 -3.46
C THR B 135 3.86 -0.31 -4.01
N GLY B 136 4.57 0.64 -4.57
CA GLY B 136 5.90 0.43 -5.09
C GLY B 136 6.87 -0.02 -4.03
N ALA B 137 6.77 0.58 -2.85
CA ALA B 137 7.65 0.20 -1.76
C ALA B 137 7.43 -1.26 -1.35
N GLU B 138 6.15 -1.70 -1.29
CA GLU B 138 5.86 -3.11 -1.01
C GLU B 138 6.38 -4.00 -2.11
N ALA B 139 6.28 -3.58 -3.37
CA ALA B 139 6.85 -4.42 -4.46
C ALA B 139 8.38 -4.57 -4.29
N GLY B 140 9.05 -3.46 -4.04
CA GLY B 140 10.49 -3.50 -3.73
C GLY B 140 10.84 -4.42 -2.54
N GLU B 141 10.14 -4.27 -1.41
CA GLU B 141 10.38 -5.15 -0.25
C GLU B 141 10.15 -6.60 -0.63
N SER B 142 9.06 -6.89 -1.36
CA SER B 142 8.73 -8.25 -1.74
C SER B 142 9.81 -8.88 -2.63
N ALA B 143 10.31 -8.12 -3.60
CA ALA B 143 11.45 -8.55 -4.43
C ALA B 143 12.71 -8.83 -3.66
N LEU B 144 13.04 -7.97 -2.72
CA LEU B 144 14.24 -8.17 -1.90
C LEU B 144 14.09 -9.43 -1.06
N LYS B 145 12.90 -9.61 -0.49
CA LYS B 145 12.59 -10.85 0.26
C LYS B 145 12.71 -12.09 -0.59
N ILE B 146 12.15 -12.04 -1.80
CA ILE B 146 12.24 -13.18 -2.75
C ILE B 146 13.72 -13.41 -3.12
N ALA B 147 14.44 -12.34 -3.42
CA ALA B 147 15.86 -12.48 -3.78
C ALA B 147 16.65 -13.09 -2.62
N ARG B 148 16.35 -12.70 -1.37
CA ARG B 148 17.09 -13.24 -0.22
C ARG B 148 16.82 -14.71 -0.01
N LYS B 149 15.56 -15.08 0.05
CA LYS B 149 15.15 -16.46 0.31
C LYS B 149 15.58 -17.36 -0.81
N TRP B 150 15.48 -16.88 -2.06
CA TRP B 150 16.05 -17.58 -3.19
C TRP B 150 17.56 -17.79 -2.98
N ALA B 151 18.29 -16.75 -2.63
CA ALA B 151 19.73 -16.87 -2.36
C ALA B 151 20.04 -17.92 -1.33
N TYR B 152 19.27 -17.91 -0.24
CA TYR B 152 19.53 -18.86 0.85
C TYR B 152 19.17 -20.29 0.48
N GLU B 153 18.10 -20.46 -0.29
CA GLU B 153 17.48 -21.79 -0.49
C GLU B 153 17.88 -22.46 -1.76
N VAL B 154 18.02 -21.71 -2.85
CA VAL B 154 18.39 -22.27 -4.16
C VAL B 154 19.90 -22.12 -4.40
N LYS B 155 20.41 -20.91 -4.22
CA LYS B 155 21.82 -20.63 -4.43
C LYS B 155 22.67 -21.10 -3.24
N GLU B 156 22.03 -21.39 -2.10
CA GLU B 156 22.69 -22.03 -0.92
C GLU B 156 23.81 -21.18 -0.26
N ILE B 157 23.71 -19.86 -0.32
CA ILE B 157 24.71 -19.00 0.31
C ILE B 157 24.54 -19.05 1.83
N PRO B 158 25.61 -18.73 2.60
CA PRO B 158 25.49 -18.88 4.07
C PRO B 158 24.36 -18.06 4.73
N PRO B 159 23.72 -18.61 5.79
CA PRO B 159 22.62 -17.91 6.49
C PRO B 159 22.94 -16.45 6.87
N ASP B 160 21.96 -15.56 6.69
CA ASP B 160 22.10 -14.11 6.93
C ASP B 160 23.21 -13.40 6.14
N SER B 161 23.78 -13.99 5.10
CA SER B 161 24.87 -13.35 4.41
C SER B 161 24.49 -12.65 3.08
N ALA B 162 23.22 -12.71 2.68
CA ALA B 162 22.82 -12.28 1.33
C ALA B 162 23.07 -10.81 1.18
N LYS B 163 23.61 -10.41 0.04
CA LYS B 163 23.82 -9.00 -0.27
C LYS B 163 22.96 -8.60 -1.46
N VAL B 164 22.57 -7.34 -1.53
CA VAL B 164 21.94 -6.80 -2.74
C VAL B 164 22.65 -5.55 -3.13
N ILE B 165 22.96 -5.43 -4.42
CA ILE B 165 23.58 -4.25 -5.02
C ILE B 165 22.50 -3.31 -5.55
N LEU B 166 22.62 -2.03 -5.21
CA LEU B 166 21.73 -0.95 -5.62
C LEU B 166 22.65 0.15 -6.06
N CYS B 167 22.10 1.18 -6.68
CA CYS B 167 22.84 2.30 -7.18
C CYS B 167 22.58 3.56 -6.36
N ASN B 168 23.63 4.37 -6.24
CA ASN B 168 23.53 5.68 -5.63
C ASN B 168 22.38 6.49 -6.25
N ASN B 169 21.69 7.28 -5.41
CA ASN B 169 20.48 8.05 -5.82
C ASN B 169 19.30 7.18 -6.29
N ASN B 170 19.28 5.91 -5.93
CA ASN B 170 18.11 5.10 -6.18
C ASN B 170 16.95 5.61 -5.33
N TYR B 171 15.75 5.32 -5.82
CA TYR B 171 14.59 5.53 -5.02
C TYR B 171 13.61 4.40 -5.38
N TRP B 172 13.19 3.70 -4.32
CA TRP B 172 12.20 2.65 -4.38
C TRP B 172 11.14 2.66 -3.28
N GLY B 173 11.29 3.47 -2.24
CA GLY B 173 10.26 3.50 -1.19
C GLY B 173 10.75 4.24 0.00
N ARG B 174 9.91 4.25 1.06
CA ARG B 174 10.23 4.95 2.26
C ARG B 174 10.21 4.06 3.48
N THR B 175 10.16 2.73 3.29
CA THR B 175 10.29 1.79 4.44
C THR B 175 11.67 1.91 5.08
N ILE B 176 11.82 1.41 6.31
CA ILE B 176 13.12 1.47 6.97
C ILE B 176 14.19 0.80 6.11
N THR B 177 13.85 -0.33 5.51
CA THR B 177 14.77 -1.04 4.67
C THR B 177 15.12 -0.27 3.37
N ALA B 178 14.17 0.49 2.85
CA ALA B 178 14.41 1.39 1.72
C ALA B 178 15.34 2.53 2.17
N CYS B 179 15.06 3.10 3.34
CA CYS B 179 15.97 4.08 3.94
C CYS B 179 17.41 3.55 4.13
N SER B 180 17.52 2.25 4.53
CA SER B 180 18.80 1.55 4.67
C SER B 180 19.64 1.41 3.39
N SER B 181 19.02 1.55 2.23
CA SER B 181 19.64 1.34 0.92
C SER B 181 19.60 2.63 0.11
N SER B 182 19.27 3.77 0.74
CA SER B 182 19.28 5.11 0.13
C SER B 182 20.63 5.80 0.33
N THR B 183 20.97 6.73 -0.56
CA THR B 183 22.14 7.65 -0.35
C THR B 183 21.68 9.09 -0.23
N THR B 184 20.39 9.28 -0.09
CA THR B 184 19.83 10.60 -0.04
C THR B 184 19.66 10.96 1.44
N PHE B 185 20.38 11.97 1.90
CA PHE B 185 20.44 12.32 3.34
C PHE B 185 19.06 12.36 4.05
N ASP B 186 18.14 13.16 3.52
CA ASP B 186 16.79 13.29 4.08
C ASP B 186 15.97 11.97 4.12
N CYS B 187 16.24 11.03 3.21
N CYS B 187 16.25 11.05 3.22
CA CYS B 187 15.59 9.71 3.21
CA CYS B 187 15.60 9.74 3.22
C CYS B 187 16.04 8.86 4.39
C CYS B 187 16.04 8.86 4.38
N TYR B 188 17.32 8.95 4.78
CA TYR B 188 17.84 8.07 5.84
C TYR B 188 18.07 8.71 7.17
N ASN B 189 18.27 10.02 7.19
CA ASN B 189 18.81 10.64 8.38
C ASN B 189 17.89 10.51 9.60
N ASN B 190 18.44 9.92 10.69
CA ASN B 190 17.70 9.69 11.98
C ASN B 190 16.54 8.70 11.93
N PHE B 191 16.60 7.78 10.97
CA PHE B 191 15.62 6.69 10.90
C PHE B 191 16.27 5.33 11.17
N GLY B 192 17.58 5.31 11.49
CA GLY B 192 18.27 4.07 11.80
C GLY B 192 18.02 3.61 13.23
N PRO B 193 18.64 2.53 13.66
CA PRO B 193 19.58 1.72 12.88
C PRO B 193 19.01 0.96 11.68
N PHE B 194 19.88 0.64 10.72
CA PHE B 194 19.51 0.20 9.38
C PHE B 194 19.63 -1.30 9.11
N THR B 195 18.77 -1.78 8.21
CA THR B 195 18.88 -3.11 7.66
C THR B 195 20.24 -3.28 6.98
N PRO B 196 21.05 -4.26 7.41
CA PRO B 196 22.26 -4.53 6.64
C PRO B 196 21.99 -5.34 5.37
N GLY B 197 23.04 -5.51 4.58
CA GLY B 197 23.05 -6.37 3.39
C GLY B 197 22.99 -5.63 2.04
N PHE B 198 23.27 -4.33 2.03
CA PHE B 198 23.25 -3.54 0.77
C PHE B 198 24.61 -2.99 0.41
N GLU B 199 24.93 -3.02 -0.87
CA GLU B 199 26.13 -2.42 -1.35
C GLU B 199 25.74 -1.46 -2.48
N LEU B 200 26.11 -0.19 -2.30
CA LEU B 200 25.80 0.87 -3.22
C LEU B 200 26.93 1.14 -4.16
N ILE B 201 26.60 1.30 -5.44
CA ILE B 201 27.61 1.65 -6.49
C ILE B 201 27.05 2.76 -7.38
N ASP B 202 27.92 3.31 -8.18
CA ASP B 202 27.52 4.34 -9.09
C ASP B 202 26.55 3.75 -10.12
N TYR B 203 25.54 4.55 -10.43
CA TYR B 203 24.66 4.28 -11.60
C TYR B 203 25.47 4.39 -12.85
N ASP B 204 25.11 3.61 -13.87
CA ASP B 204 25.59 3.79 -15.23
C ASP B 204 27.08 3.54 -15.30
N ASP B 205 27.51 2.48 -14.60
CA ASP B 205 28.95 2.16 -14.43
C ASP B 205 29.15 0.63 -14.34
N VAL B 206 29.48 0.01 -15.46
CA VAL B 206 29.58 -1.45 -15.55
C VAL B 206 30.76 -1.97 -14.76
N GLY B 207 31.85 -1.22 -14.77
CA GLY B 207 33.04 -1.56 -13.99
C GLY B 207 32.77 -1.69 -12.49
N ALA B 208 32.08 -0.71 -11.93
CA ALA B 208 31.74 -0.79 -10.53
C ALA B 208 30.83 -2.02 -10.30
N LEU B 209 29.92 -2.31 -11.24
CA LEU B 209 29.03 -3.49 -11.11
C LEU B 209 29.84 -4.81 -11.15
N GLU B 210 30.72 -4.96 -12.15
CA GLU B 210 31.61 -6.14 -12.20
C GLU B 210 32.38 -6.37 -10.89
N GLU B 211 32.95 -5.30 -10.38
CA GLU B 211 33.70 -5.33 -9.12
C GLU B 211 32.78 -5.81 -7.95
N ALA B 212 31.62 -5.17 -7.79
CA ALA B 212 30.66 -5.58 -6.76
C ALA B 212 30.23 -7.04 -6.92
N LEU B 213 30.16 -7.52 -8.16
CA LEU B 213 29.75 -8.91 -8.46
C LEU B 213 30.78 -10.03 -8.16
N LYS B 214 31.96 -9.70 -7.62
CA LYS B 214 32.93 -10.71 -7.18
C LYS B 214 32.52 -11.40 -5.87
N ASP B 215 31.72 -10.73 -5.07
CA ASP B 215 31.25 -11.31 -3.80
C ASP B 215 30.19 -12.41 -4.12
N PRO B 216 30.54 -13.71 -3.87
CA PRO B 216 29.58 -14.78 -4.14
C PRO B 216 28.28 -14.74 -3.34
N ASN B 217 28.22 -13.95 -2.27
CA ASN B 217 27.00 -13.83 -1.49
C ASN B 217 25.95 -12.86 -2.05
N VAL B 218 26.21 -12.28 -3.24
CA VAL B 218 25.29 -11.37 -3.88
C VAL B 218 24.08 -12.16 -4.37
N ALA B 219 22.89 -11.76 -3.92
CA ALA B 219 21.63 -12.37 -4.38
C ALA B 219 21.11 -11.71 -5.65
N ALA B 220 21.24 -10.39 -5.73
CA ALA B 220 20.63 -9.62 -6.79
C ALA B 220 21.25 -8.25 -6.99
N PHE B 221 21.07 -7.73 -8.19
CA PHE B 221 21.29 -6.33 -8.52
C PHE B 221 19.93 -5.74 -8.85
N PHE B 222 19.64 -4.62 -8.19
CA PHE B 222 18.37 -3.97 -8.20
C PHE B 222 18.59 -2.56 -8.77
N VAL B 223 17.97 -2.29 -9.93
CA VAL B 223 18.29 -1.15 -10.75
C VAL B 223 17.09 -0.59 -11.54
N GLU B 224 17.09 0.73 -11.76
CA GLU B 224 16.07 1.42 -12.57
C GLU B 224 16.66 1.62 -14.00
N PRO B 225 15.88 1.39 -15.07
CA PRO B 225 16.41 1.62 -16.41
C PRO B 225 16.73 3.07 -16.73
N ILE B 226 16.06 3.98 -16.05
CA ILE B 226 16.35 5.42 -15.98
C ILE B 226 16.05 5.78 -14.56
N GLN B 227 16.91 6.54 -13.88
CA GLN B 227 16.63 6.82 -12.48
C GLN B 227 15.66 7.98 -12.43
N GLY B 228 14.61 7.76 -11.67
CA GLY B 228 13.44 8.61 -11.65
C GLY B 228 13.65 9.78 -10.72
N GLU B 229 13.41 9.56 -9.43
CA GLU B 229 13.59 10.60 -8.42
C GLU B 229 15.03 11.12 -8.39
N GLY B 230 15.99 10.26 -8.74
CA GLY B 230 17.40 10.62 -8.84
C GLY B 230 17.72 11.74 -9.80
N GLY B 231 16.81 12.04 -10.73
CA GLY B 231 16.97 13.16 -11.66
C GLY B 231 16.83 12.84 -13.12
N VAL B 232 16.06 11.81 -13.42
CA VAL B 232 15.86 11.34 -14.78
C VAL B 232 17.26 11.11 -15.40
N ASN B 233 18.04 10.24 -14.73
CA ASN B 233 19.42 9.90 -15.19
C ASN B 233 19.23 8.77 -16.15
N VAL B 234 19.39 9.11 -17.42
CA VAL B 234 19.30 8.14 -18.51
C VAL B 234 20.68 7.55 -18.71
N PRO B 235 20.84 6.23 -18.54
CA PRO B 235 22.17 5.65 -18.67
C PRO B 235 22.57 5.54 -20.12
N LYS B 236 23.82 5.14 -20.37
CA LYS B 236 24.26 4.98 -21.74
C LYS B 236 23.41 3.88 -22.40
N PRO B 237 23.11 4.02 -23.70
CA PRO B 237 22.65 2.84 -24.49
C PRO B 237 23.45 1.56 -24.20
N GLY B 238 22.72 0.47 -23.92
CA GLY B 238 23.27 -0.87 -23.68
C GLY B 238 23.61 -1.21 -22.23
N TYR B 239 23.62 -0.20 -21.37
CA TYR B 239 24.03 -0.37 -19.97
C TYR B 239 23.34 -1.54 -19.31
N LEU B 240 22.02 -1.55 -19.48
CA LEU B 240 21.25 -2.58 -18.86
C LEU B 240 21.49 -4.00 -19.47
N LYS B 241 21.74 -4.12 -20.77
CA LYS B 241 22.10 -5.43 -21.35
C LYS B 241 23.41 -5.97 -20.71
N ARG B 242 24.37 -5.07 -20.57
CA ARG B 242 25.67 -5.38 -20.02
C ARG B 242 25.48 -5.79 -18.61
N ALA B 243 24.69 -5.04 -17.87
CA ALA B 243 24.41 -5.42 -16.49
C ALA B 243 23.74 -6.78 -16.40
N HIS B 244 22.81 -7.08 -17.30
CA HIS B 244 22.18 -8.40 -17.25
C HIS B 244 23.17 -9.54 -17.51
N GLU B 245 24.07 -9.34 -18.48
CA GLU B 245 25.10 -10.35 -18.82
C GLU B 245 26.03 -10.64 -17.68
N LEU B 246 26.44 -9.58 -16.99
CA LEU B 246 27.24 -9.73 -15.79
C LEU B 246 26.46 -10.50 -14.68
N CYS B 247 25.23 -10.10 -14.41
CA CYS B 247 24.43 -10.81 -13.40
C CYS B 247 24.25 -12.31 -13.73
N ARG B 248 23.97 -12.63 -14.98
CA ARG B 248 23.63 -13.99 -15.39
C ARG B 248 24.85 -14.89 -15.28
N SER B 249 26.03 -14.37 -15.66
CA SER B 249 27.27 -15.14 -15.54
C SER B 249 27.69 -15.38 -14.08
N LYS B 250 27.19 -14.59 -13.13
CA LYS B 250 27.45 -14.85 -11.70
C LYS B 250 26.29 -15.48 -10.93
N ASN B 251 25.27 -15.94 -11.64
CA ASN B 251 24.03 -16.43 -11.04
C ASN B 251 23.42 -15.45 -10.03
N VAL B 252 23.29 -14.20 -10.47
CA VAL B 252 22.71 -13.14 -9.66
C VAL B 252 21.50 -12.60 -10.42
N LEU B 253 20.39 -12.41 -9.68
CA LEU B 253 19.12 -11.99 -10.24
C LEU B 253 19.18 -10.49 -10.57
N LEU B 254 18.73 -10.14 -11.76
CA LEU B 254 18.58 -8.74 -12.16
C LEU B 254 17.14 -8.34 -11.84
N ILE B 255 16.97 -7.49 -10.82
CA ILE B 255 15.67 -6.95 -10.46
C ILE B 255 15.53 -5.56 -11.09
N VAL B 256 14.57 -5.38 -11.98
CA VAL B 256 14.47 -4.13 -12.73
C VAL B 256 13.21 -3.47 -12.25
N ASP B 257 13.39 -2.31 -11.67
CA ASP B 257 12.30 -1.49 -11.19
C ASP B 257 11.73 -0.61 -12.33
N GLU B 258 10.56 -0.97 -12.84
CA GLU B 258 9.85 -0.22 -13.85
C GLU B 258 8.59 0.45 -13.30
N ILE B 259 8.58 0.80 -12.02
CA ILE B 259 7.44 1.41 -11.40
C ILE B 259 7.23 2.83 -12.01
N GLN B 260 8.31 3.53 -12.34
CA GLN B 260 8.22 4.83 -12.96
C GLN B 260 8.42 4.78 -14.50
N THR B 261 9.23 3.88 -15.01
CA THR B 261 9.63 3.86 -16.41
C THR B 261 8.86 2.90 -17.32
N GLY B 262 8.09 2.02 -16.73
CA GLY B 262 7.37 1.02 -17.50
C GLY B 262 6.07 1.55 -18.02
N LEU B 263 5.33 0.64 -18.62
CA LEU B 263 4.00 0.91 -19.08
C LEU B 263 4.02 2.11 -20.05
N CYS B 264 4.89 2.04 -21.06
CA CYS B 264 4.84 2.93 -22.25
C CYS B 264 5.46 4.31 -22.07
N ARG B 265 5.80 4.67 -20.85
CA ARG B 265 6.28 5.99 -20.51
C ARG B 265 7.50 6.36 -21.39
N THR B 266 8.40 5.42 -21.62
CA THR B 266 9.60 5.73 -22.36
C THR B 266 9.51 5.46 -23.83
N GLY B 267 8.32 5.23 -24.37
CA GLY B 267 8.17 4.82 -25.75
C GLY B 267 8.13 3.34 -26.06
N ARG B 268 8.22 2.50 -25.06
CA ARG B 268 8.23 1.07 -25.20
C ARG B 268 7.44 0.53 -24.00
N LEU B 269 6.90 -0.66 -24.11
CA LEU B 269 6.09 -1.21 -23.03
C LEU B 269 6.88 -1.25 -21.70
N LEU B 270 8.14 -1.71 -21.77
CA LEU B 270 9.08 -1.61 -20.67
C LEU B 270 10.28 -0.76 -21.11
N ALA B 271 10.77 0.10 -20.26
CA ALA B 271 11.99 0.79 -20.55
C ALA B 271 13.18 -0.18 -20.78
N ALA B 272 13.17 -1.33 -20.10
CA ALA B 272 14.12 -2.40 -20.38
C ALA B 272 14.05 -2.92 -21.78
N ASP B 273 12.96 -2.69 -22.52
CA ASP B 273 12.99 -3.12 -23.97
C ASP B 273 14.06 -2.41 -24.85
N HIS B 274 14.43 -1.17 -24.48
CA HIS B 274 15.44 -0.45 -25.25
C HIS B 274 16.76 -1.25 -25.42
N ASP B 275 17.29 -1.74 -24.30
CA ASP B 275 18.48 -2.59 -24.24
C ASP B 275 18.20 -4.10 -24.41
N GLU B 276 16.95 -4.44 -24.74
CA GLU B 276 16.50 -5.81 -25.00
C GLU B 276 16.69 -6.75 -23.81
N VAL B 277 16.34 -6.26 -22.63
CA VAL B 277 16.49 -7.01 -21.40
C VAL B 277 15.10 -7.42 -20.94
N HIS B 278 14.95 -8.73 -20.69
CA HIS B 278 13.86 -9.35 -19.94
C HIS B 278 14.32 -9.51 -18.50
N PRO B 279 13.83 -8.67 -17.58
CA PRO B 279 14.32 -8.76 -16.20
C PRO B 279 14.09 -10.14 -15.56
N ASP B 280 14.96 -10.58 -14.66
CA ASP B 280 14.69 -11.81 -13.89
C ASP B 280 13.49 -11.56 -12.94
N ILE B 281 13.49 -10.42 -12.24
CA ILE B 281 12.36 -9.96 -11.48
C ILE B 281 11.98 -8.55 -11.98
N LEU B 282 10.73 -8.42 -12.35
CA LEU B 282 10.14 -7.17 -12.84
C LEU B 282 9.24 -6.56 -11.76
N LEU B 283 9.40 -5.28 -11.50
CA LEU B 283 8.47 -4.52 -10.65
C LEU B 283 7.67 -3.53 -11.48
N LEU B 284 6.37 -3.55 -11.29
CA LEU B 284 5.45 -2.59 -11.88
C LEU B 284 4.61 -1.99 -10.77
N GLY B 285 4.06 -0.81 -11.08
CA GLY B 285 3.24 -0.04 -10.17
C GLY B 285 2.63 1.17 -10.86
N LYS B 286 2.18 2.13 -10.09
CA LYS B 286 1.82 3.45 -10.54
C LYS B 286 0.76 3.38 -11.62
N SER B 287 1.17 3.48 -12.90
CA SER B 287 0.22 3.48 -13.99
C SER B 287 -0.43 2.11 -14.26
N LEU B 288 0.03 1.07 -13.56
CA LEU B 288 -0.64 -0.18 -13.51
C LEU B 288 -2.15 -0.03 -13.22
N SER B 289 -2.52 0.98 -12.46
CA SER B 289 -3.94 1.24 -12.10
C SER B 289 -4.45 2.54 -12.72
N ALA B 290 -3.64 3.15 -13.60
CA ALA B 290 -3.93 4.49 -14.13
C ALA B 290 -4.14 5.53 -13.01
N GLY B 291 -3.49 5.32 -11.88
CA GLY B 291 -3.56 6.23 -10.78
C GLY B 291 -4.86 6.26 -10.06
N VAL B 292 -5.68 5.22 -10.19
CA VAL B 292 -6.98 5.18 -9.57
C VAL B 292 -6.94 4.53 -8.20
N VAL B 293 -6.20 3.43 -8.06
CA VAL B 293 -6.03 2.75 -6.76
C VAL B 293 -4.64 2.15 -6.72
N PRO B 294 -4.02 2.11 -5.53
CA PRO B 294 -2.65 1.61 -5.47
C PRO B 294 -2.60 0.11 -5.74
N ILE B 295 -1.88 -0.32 -6.75
CA ILE B 295 -1.60 -1.72 -7.01
C ILE B 295 -0.22 -1.79 -7.60
N SER B 296 0.56 -2.76 -7.16
CA SER B 296 1.92 -3.00 -7.68
C SER B 296 2.07 -4.49 -7.94
N ALA B 297 3.08 -4.85 -8.68
CA ALA B 297 3.24 -6.25 -9.10
C ALA B 297 4.70 -6.63 -9.10
N VAL B 298 4.99 -7.87 -8.70
CA VAL B 298 6.32 -8.42 -8.80
C VAL B 298 6.15 -9.66 -9.66
N MET B 299 6.90 -9.78 -10.74
CA MET B 299 6.78 -10.92 -11.65
C MET B 299 8.11 -11.60 -11.83
N GLY B 300 8.04 -12.91 -11.95
CA GLY B 300 9.27 -13.65 -12.20
C GLY B 300 8.99 -15.09 -12.58
N ARG B 301 10.06 -15.79 -12.91
CA ARG B 301 9.95 -17.21 -13.27
C ARG B 301 9.64 -18.04 -12.04
N ALA B 302 9.13 -19.25 -12.30
CA ALA B 302 8.61 -20.13 -11.27
C ALA B 302 9.63 -20.48 -10.18
N ASP B 303 10.85 -20.79 -10.60
CA ASP B 303 11.88 -21.31 -9.66
C ASP B 303 12.40 -20.20 -8.71
N VAL B 304 12.15 -18.95 -9.06
CA VAL B 304 12.43 -17.82 -8.18
C VAL B 304 11.19 -17.49 -7.35
N MET B 305 10.04 -17.28 -8.01
CA MET B 305 8.86 -16.77 -7.30
C MET B 305 8.30 -17.81 -6.32
N ASP B 306 8.46 -19.10 -6.63
CA ASP B 306 7.92 -20.16 -5.76
C ASP B 306 8.59 -20.35 -4.39
N VAL B 307 9.70 -19.66 -4.10
CA VAL B 307 10.25 -19.58 -2.75
C VAL B 307 9.25 -18.99 -1.74
N LEU B 308 8.27 -18.17 -2.18
CA LEU B 308 7.29 -17.63 -1.25
C LEU B 308 6.20 -18.65 -1.04
N LYS B 309 6.41 -19.50 -0.06
CA LYS B 309 5.43 -20.56 0.25
C LYS B 309 4.29 -19.97 1.12
N PRO B 310 3.18 -20.72 1.28
CA PRO B 310 2.08 -20.27 2.13
C PRO B 310 2.52 -19.83 3.51
N GLY B 311 2.05 -18.68 3.97
CA GLY B 311 2.46 -18.15 5.28
C GLY B 311 3.78 -17.41 5.30
N THR B 312 4.57 -17.44 4.23
CA THR B 312 5.89 -16.71 4.23
C THR B 312 5.76 -15.26 3.79
N HIS B 313 4.60 -14.91 3.23
CA HIS B 313 4.37 -13.54 2.75
C HIS B 313 2.88 -13.36 2.58
N GLY B 314 2.46 -12.11 2.72
CA GLY B 314 1.03 -11.77 2.65
C GLY B 314 0.75 -10.27 2.55
N SER B 315 -0.49 -9.95 2.24
CA SER B 315 -0.96 -8.59 2.28
C SER B 315 -2.48 -8.62 2.37
N THR B 316 -3.08 -7.81 3.21
CA THR B 316 -4.57 -7.75 3.24
C THR B 316 -5.17 -7.38 1.86
N PHE B 317 -4.75 -6.25 1.30
CA PHE B 317 -5.35 -5.73 0.07
C PHE B 317 -4.70 -6.22 -1.22
N GLY B 318 -3.53 -6.84 -1.10
CA GLY B 318 -2.84 -7.27 -2.31
C GLY B 318 -3.65 -8.25 -3.12
N GLY B 319 -3.79 -7.98 -4.40
CA GLY B 319 -4.60 -8.78 -5.29
C GLY B 319 -6.11 -8.64 -5.10
N ASN B 320 -6.58 -7.61 -4.45
CA ASN B 320 -8.02 -7.49 -4.24
C ASN B 320 -8.69 -7.39 -5.61
N PRO B 321 -9.92 -7.92 -5.74
CA PRO B 321 -10.56 -7.89 -7.03
C PRO B 321 -10.82 -6.51 -7.60
N LEU B 322 -11.02 -5.50 -6.76
CA LEU B 322 -11.25 -4.18 -7.32
C LEU B 322 -9.99 -3.70 -8.10
N ALA B 323 -8.84 -3.74 -7.46
CA ALA B 323 -7.59 -3.34 -8.09
C ALA B 323 -7.26 -4.15 -9.30
N CYS B 324 -7.53 -5.46 -9.28
CA CYS B 324 -7.32 -6.28 -10.43
C CYS B 324 -8.17 -5.89 -11.64
N ALA B 325 -9.44 -5.54 -11.41
CA ALA B 325 -10.29 -5.17 -12.49
C ALA B 325 -9.82 -3.84 -13.13
N VAL B 326 -9.39 -2.91 -12.28
CA VAL B 326 -8.89 -1.64 -12.67
C VAL B 326 -7.59 -1.84 -13.47
N ALA B 327 -6.67 -2.69 -12.98
CA ALA B 327 -5.43 -2.88 -13.64
C ALA B 327 -5.59 -3.50 -15.05
N VAL B 328 -6.48 -4.47 -15.22
CA VAL B 328 -6.67 -5.07 -16.53
C VAL B 328 -7.16 -3.99 -17.52
N GLU B 329 -8.07 -3.14 -17.06
CA GLU B 329 -8.54 -2.07 -17.87
C GLU B 329 -7.44 -1.05 -18.19
N ALA B 330 -6.70 -0.65 -17.18
CA ALA B 330 -5.57 0.28 -17.36
C ALA B 330 -4.51 -0.17 -18.35
N LEU B 331 -4.17 -1.45 -18.23
CA LEU B 331 -3.18 -2.03 -19.11
C LEU B 331 -3.73 -2.08 -20.54
N THR B 332 -5.00 -2.37 -20.67
CA THR B 332 -5.57 -2.51 -22.00
C THR B 332 -5.64 -1.15 -22.71
N VAL B 333 -5.89 -0.06 -21.96
CA VAL B 333 -5.83 1.30 -22.50
C VAL B 333 -4.49 1.58 -23.17
N LEU B 334 -3.40 1.12 -22.55
CA LEU B 334 -2.04 1.37 -23.05
C LEU B 334 -1.91 0.81 -24.46
N LYS B 335 -2.41 -0.39 -24.62
CA LYS B 335 -2.36 -1.12 -25.87
C LYS B 335 -3.35 -0.52 -26.90
N ASP B 336 -4.61 -0.32 -26.52
CA ASP B 336 -5.62 0.15 -27.46
C ASP B 336 -5.35 1.56 -27.98
N GLU B 337 -4.87 2.46 -27.14
CA GLU B 337 -4.58 3.83 -27.52
C GLU B 337 -3.14 3.99 -28.07
N LYS B 338 -2.44 2.86 -28.21
CA LYS B 338 -1.09 2.83 -28.72
C LYS B 338 -0.23 3.90 -28.08
N LEU B 339 -0.17 3.83 -26.77
CA LEU B 339 0.48 4.88 -26.04
C LEU B 339 2.03 4.84 -26.06
N ALA B 340 2.64 3.68 -26.26
CA ALA B 340 4.10 3.62 -26.47
C ALA B 340 4.48 4.42 -27.72
N ASP B 341 3.76 4.25 -28.82
CA ASP B 341 4.03 5.04 -30.03
C ASP B 341 3.84 6.54 -29.83
N ARG B 342 2.83 6.91 -29.08
CA ARG B 342 2.60 8.30 -28.80
C ARG B 342 3.70 8.90 -27.91
N ALA B 343 4.14 8.15 -26.88
CA ALA B 343 5.23 8.63 -26.05
C ALA B 343 6.54 8.81 -26.85
N GLU B 344 6.85 7.86 -27.71
CA GLU B 344 8.10 7.87 -28.44
C GLU B 344 8.16 9.11 -29.38
N ARG B 345 7.09 9.30 -30.13
CA ARG B 345 6.96 10.36 -31.13
C ARG B 345 6.96 11.70 -30.47
N LEU B 346 6.03 11.91 -29.54
CA LEU B 346 5.91 13.21 -28.90
C LEU B 346 7.14 13.60 -28.13
N GLY B 347 7.74 12.60 -27.48
CA GLY B 347 8.90 12.84 -26.65
C GLY B 347 10.13 13.25 -27.40
N ALA B 348 10.40 12.61 -28.54
CA ALA B 348 11.52 13.03 -29.42
C ALA B 348 11.26 14.48 -29.96
N GLN B 349 10.03 14.80 -30.31
CA GLN B 349 9.69 16.18 -30.72
C GLN B 349 9.90 17.17 -29.57
N PHE B 350 9.53 16.79 -28.35
CA PHE B 350 9.73 17.66 -27.18
C PHE B 350 11.19 18.01 -26.95
N ARG B 351 12.05 16.99 -26.93
CA ARG B 351 13.44 17.21 -26.60
C ARG B 351 14.08 18.00 -27.74
N ASP B 352 13.68 17.69 -28.95
CA ASP B 352 14.16 18.43 -30.10
C ASP B 352 13.82 19.93 -30.03
N CYS B 353 12.58 20.28 -29.74
CA CYS B 353 12.22 21.69 -29.63
C CYS B 353 12.94 22.35 -28.50
N LEU B 354 12.98 21.72 -27.35
CA LEU B 354 13.68 22.35 -26.24
C LEU B 354 15.18 22.59 -26.61
N ARG B 355 15.85 21.60 -27.22
CA ARG B 355 17.24 21.79 -27.62
C ARG B 355 17.40 22.98 -28.57
N ARG B 356 16.61 23.02 -29.64
CA ARG B 356 16.72 24.06 -30.64
C ARG B 356 16.34 25.45 -30.12
N GLU B 357 15.36 25.57 -29.22
CA GLU B 357 14.93 26.88 -28.81
C GLU B 357 15.53 27.33 -27.51
N LEU B 358 16.21 26.45 -26.77
CA LEU B 358 16.73 26.83 -25.43
C LEU B 358 18.25 26.72 -25.25
N TYR B 359 18.87 25.66 -25.77
CA TYR B 359 20.36 25.56 -25.72
C TYR B 359 20.93 26.75 -26.50
N GLY B 360 21.77 27.55 -25.83
CA GLY B 360 22.39 28.72 -26.43
C GLY B 360 21.71 29.95 -25.89
N LYS B 361 20.40 30.01 -26.05
CA LYS B 361 19.63 31.15 -25.55
C LYS B 361 19.51 31.20 -24.03
N VAL B 362 19.66 30.07 -23.34
CA VAL B 362 19.46 30.03 -21.88
C VAL B 362 20.66 29.36 -21.25
N PRO B 363 21.70 30.14 -20.86
CA PRO B 363 23.02 29.55 -20.45
C PRO B 363 23.00 28.70 -19.17
N TRP B 364 22.00 28.94 -18.31
CA TRP B 364 21.84 28.18 -17.06
C TRP B 364 21.09 26.82 -17.21
N ILE B 365 20.79 26.39 -18.44
CA ILE B 365 20.36 25.03 -18.71
C ILE B 365 21.60 24.17 -18.87
N LYS B 366 21.75 23.23 -17.95
CA LYS B 366 22.84 22.27 -17.93
C LYS B 366 22.58 21.13 -18.95
N GLU B 367 21.39 20.55 -18.97
CA GLU B 367 21.10 19.40 -19.87
C GLU B 367 19.60 19.18 -20.10
N ILE B 368 19.25 18.75 -21.30
CA ILE B 368 17.90 18.30 -21.64
C ILE B 368 18.09 16.81 -21.88
N ARG B 369 17.28 15.99 -21.19
CA ARG B 369 17.45 14.53 -21.25
C ARG B 369 16.15 13.83 -20.97
N GLY B 370 16.09 12.57 -21.40
CA GLY B 370 14.92 11.75 -21.26
C GLY B 370 14.76 10.73 -22.36
N ARG B 371 13.76 9.86 -22.17
CA ARG B 371 13.27 8.99 -23.24
C ARG B 371 11.75 8.99 -23.24
N GLY B 372 11.13 8.89 -24.42
CA GLY B 372 9.66 8.98 -24.51
C GLY B 372 9.20 10.24 -23.84
N LEU B 373 8.19 10.11 -22.98
CA LEU B 373 7.63 11.26 -22.29
C LEU B 373 8.05 11.26 -20.83
N LEU B 374 9.26 10.78 -20.56
CA LEU B 374 9.95 10.94 -19.27
C LEU B 374 11.16 11.85 -19.53
N ASN B 375 10.96 13.15 -19.34
CA ASN B 375 11.94 14.15 -19.68
C ASN B 375 12.28 15.07 -18.56
N ALA B 376 13.47 15.63 -18.64
CA ALA B 376 13.98 16.55 -17.64
C ALA B 376 14.84 17.66 -18.25
N VAL B 377 14.88 18.79 -17.55
CA VAL B 377 15.81 19.89 -17.84
C VAL B 377 16.46 20.19 -16.50
N GLU B 378 17.72 19.82 -16.40
CA GLU B 378 18.54 20.18 -15.29
C GLU B 378 19.05 21.61 -15.48
N VAL B 379 18.97 22.40 -14.41
CA VAL B 379 19.42 23.78 -14.41
C VAL B 379 20.52 23.98 -13.39
N ASP B 380 21.31 25.03 -13.60
CA ASP B 380 22.36 25.45 -12.70
C ASP B 380 21.70 26.24 -11.59
N SER B 381 21.53 25.61 -10.43
CA SER B 381 20.93 26.26 -9.30
C SER B 381 21.83 27.30 -8.61
N ASP B 382 23.09 27.47 -9.05
CA ASP B 382 23.89 28.62 -8.64
C ASP B 382 23.60 29.83 -9.50
N ALA B 383 23.28 29.61 -10.78
CA ALA B 383 23.00 30.72 -11.69
C ALA B 383 21.54 31.20 -11.68
N ILE B 384 20.62 30.38 -11.15
CA ILE B 384 19.18 30.71 -11.19
C ILE B 384 18.46 30.07 -10.00
N ASP B 385 17.37 30.68 -9.54
CA ASP B 385 16.53 30.02 -8.56
C ASP B 385 15.61 29.06 -9.33
N PRO B 386 15.72 27.73 -9.12
CA PRO B 386 14.88 26.78 -9.84
C PRO B 386 13.40 27.04 -9.64
N ASN B 387 13.06 27.53 -8.45
CA ASN B 387 11.69 27.82 -8.15
C ASN B 387 11.08 28.96 -9.01
N ASP B 388 11.90 29.87 -9.54
CA ASP B 388 11.37 30.85 -10.50
C ASP B 388 10.90 30.17 -11.79
N VAL B 389 11.57 29.09 -12.18
CA VAL B 389 11.11 28.32 -13.35
C VAL B 389 9.74 27.67 -13.05
N VAL B 390 9.62 27.10 -11.85
CA VAL B 390 8.40 26.43 -11.45
C VAL B 390 7.21 27.40 -11.42
N MET B 391 7.42 28.56 -10.78
N MET B 391 7.38 28.56 -10.78
CA MET B 391 6.41 29.63 -10.70
CA MET B 391 6.24 29.49 -10.70
C MET B 391 5.99 30.11 -12.09
C MET B 391 5.98 30.20 -12.05
N LYS B 392 6.99 30.32 -12.93
CA LYS B 392 6.75 30.85 -14.29
C LYS B 392 5.93 29.86 -15.15
N LEU B 393 6.30 28.59 -15.04
CA LEU B 393 5.55 27.51 -15.67
C LEU B 393 4.09 27.51 -15.27
N LYS B 394 3.84 27.61 -13.97
CA LYS B 394 2.45 27.62 -13.48
C LYS B 394 1.70 28.84 -14.04
N GLU B 395 2.37 29.99 -14.05
CA GLU B 395 1.83 31.22 -14.65
C GLU B 395 1.39 30.95 -16.12
N ASN B 396 2.19 30.18 -16.85
CA ASN B 396 1.90 29.85 -18.25
C ASN B 396 1.09 28.54 -18.43
N GLY B 397 0.50 28.03 -17.38
CA GLY B 397 -0.49 26.94 -17.50
C GLY B 397 0.10 25.54 -17.43
N ILE B 398 1.30 25.41 -16.85
CA ILE B 398 2.05 24.16 -16.75
C ILE B 398 2.36 23.90 -15.28
N LEU B 399 1.89 22.76 -14.77
CA LEU B 399 2.22 22.35 -13.43
C LEU B 399 3.26 21.25 -13.46
N SER B 400 4.46 21.50 -12.92
N SER B 400 4.38 21.50 -12.77
CA SER B 400 5.33 20.41 -12.47
CA SER B 400 5.53 20.60 -12.68
C SER B 400 5.98 20.75 -11.15
C SER B 400 6.35 20.86 -11.41
N LYS B 401 6.78 19.80 -10.72
CA LYS B 401 7.56 19.87 -9.47
C LYS B 401 8.91 19.22 -9.78
N PRO B 402 10.02 19.97 -9.57
CA PRO B 402 11.33 19.40 -9.80
C PRO B 402 11.66 18.31 -8.78
N THR B 403 12.67 17.51 -9.13
CA THR B 403 13.37 16.68 -8.16
C THR B 403 14.80 17.18 -7.94
N ARG B 404 15.32 16.97 -6.73
CA ARG B 404 16.69 17.37 -6.32
C ARG B 404 16.96 18.86 -6.47
N GLY B 405 15.94 19.67 -6.18
CA GLY B 405 16.03 21.11 -6.32
C GLY B 405 16.08 21.59 -7.75
N ARG B 406 16.97 21.01 -8.58
CA ARG B 406 17.36 21.63 -9.84
C ARG B 406 16.98 20.90 -11.13
N VAL B 407 16.37 19.72 -11.02
CA VAL B 407 15.94 18.98 -12.20
C VAL B 407 14.45 19.20 -12.41
N MET B 408 14.13 20.01 -13.41
CA MET B 408 12.76 20.26 -13.81
C MET B 408 12.26 18.99 -14.51
N ARG B 409 11.06 18.55 -14.18
CA ARG B 409 10.53 17.32 -14.73
C ARG B 409 9.38 17.61 -15.63
N PHE B 410 9.31 16.89 -16.74
CA PHE B 410 8.22 17.06 -17.67
C PHE B 410 7.66 15.68 -18.00
N ILE B 411 6.54 15.32 -17.35
CA ILE B 411 6.02 13.97 -17.35
C ILE B 411 4.51 14.10 -17.54
N PRO B 412 4.03 14.33 -18.76
CA PRO B 412 2.60 14.45 -18.99
C PRO B 412 1.91 13.08 -19.09
N PRO B 413 0.56 13.03 -18.90
CA PRO B 413 -0.10 11.88 -19.34
C PRO B 413 0.20 11.60 -20.83
N LEU B 414 0.37 10.31 -21.15
CA LEU B 414 0.67 9.81 -22.50
C LEU B 414 -0.46 10.07 -23.48
N VAL B 415 -1.68 10.14 -22.96
CA VAL B 415 -2.85 10.49 -23.78
C VAL B 415 -2.92 11.93 -24.26
N ILE B 416 -2.00 12.78 -23.83
CA ILE B 416 -1.93 14.16 -24.31
C ILE B 416 -2.03 14.20 -25.86
N THR B 417 -2.93 15.01 -26.39
CA THR B 417 -3.15 15.07 -27.83
C THR B 417 -2.00 15.81 -28.56
N ASP B 418 -1.88 15.63 -29.88
CA ASP B 418 -0.87 16.37 -30.66
C ASP B 418 -1.03 17.88 -30.45
N GLU B 419 -2.25 18.39 -30.59
CA GLU B 419 -2.49 19.81 -30.37
C GLU B 419 -2.16 20.21 -28.95
N GLU B 420 -2.55 19.42 -27.94
CA GLU B 420 -2.25 19.79 -26.56
C GLU B 420 -0.77 19.83 -26.30
N HIS B 421 -0.08 18.84 -26.83
CA HIS B 421 1.34 18.75 -26.64
C HIS B 421 2.12 19.93 -27.31
N ARG B 422 1.69 20.34 -28.50
CA ARG B 422 2.28 21.49 -29.19
C ARG B 422 2.13 22.71 -28.28
N ASP B 423 0.90 22.93 -27.83
CA ASP B 423 0.54 24.05 -26.98
C ASP B 423 1.39 24.05 -25.69
N ALA B 424 1.54 22.86 -25.06
CA ALA B 424 2.28 22.78 -23.81
C ALA B 424 3.74 23.03 -24.06
N THR B 425 4.26 22.48 -25.13
CA THR B 425 5.68 22.66 -25.48
C THR B 425 5.98 24.15 -25.67
N THR B 426 5.07 24.86 -26.33
CA THR B 426 5.21 26.32 -26.53
C THR B 426 5.23 27.04 -25.19
N ARG B 427 4.32 26.67 -24.27
CA ARG B 427 4.24 27.36 -23.01
C ARG B 427 5.48 27.07 -22.17
N ILE B 428 6.06 25.89 -22.34
CA ILE B 428 7.20 25.47 -21.52
C ILE B 428 8.42 26.26 -21.95
N ILE B 429 8.65 26.31 -23.27
CA ILE B 429 9.75 27.08 -23.89
C ILE B 429 9.65 28.58 -23.51
N LYS B 430 8.46 29.14 -23.71
CA LYS B 430 8.15 30.51 -23.33
C LYS B 430 8.49 30.76 -21.86
N SER B 431 8.32 29.76 -20.99
CA SER B 431 8.60 29.93 -19.57
C SER B 431 10.08 30.02 -19.27
N PHE B 432 10.86 29.16 -19.91
CA PHE B 432 12.30 29.18 -19.72
C PHE B 432 12.88 30.53 -20.21
N LEU B 433 12.39 30.98 -21.37
CA LEU B 433 12.81 32.26 -21.93
C LEU B 433 12.40 33.44 -21.04
N ALA B 434 11.22 33.41 -20.42
CA ALA B 434 10.78 34.56 -19.60
C ALA B 434 11.63 34.66 -18.34
N VAL B 435 12.02 33.51 -17.78
CA VAL B 435 12.95 33.52 -16.63
C VAL B 435 14.32 34.08 -17.01
N GLU B 436 14.84 33.70 -18.17
CA GLU B 436 16.09 34.28 -18.68
C GLU B 436 16.01 35.82 -18.93
N GLU B 437 14.96 36.30 -19.58
CA GLU B 437 14.76 37.74 -19.78
C GLU B 437 14.74 38.52 -18.44
N GLU B 438 13.99 38.02 -17.46
CA GLU B 438 13.99 38.58 -16.10
C GLU B 438 15.38 38.57 -15.42
N ARG B 439 16.18 37.53 -15.63
CA ARG B 439 17.54 37.47 -15.11
C ARG B 439 18.44 38.57 -15.69
N LYS B 440 18.32 38.85 -16.99
CA LYS B 440 19.16 39.85 -17.68
C LYS B 440 18.99 41.25 -17.14
N LYS B 441 17.75 41.61 -16.78
CA LYS B 441 17.51 42.85 -16.06
C LYS B 441 18.12 42.80 -14.63
C1 GLC C . -32.19 -18.34 5.96
C2 GLC C . -32.90 -17.88 4.70
C3 GLC C . -32.41 -16.55 4.24
C4 GLC C . -32.67 -15.60 5.36
C5 GLC C . -31.60 -15.92 6.38
C6 GLC C . -31.72 -15.16 7.68
O1 GLC C . -31.24 -19.34 5.59
O2 GLC C . -32.67 -18.87 3.73
O3 GLC C . -33.13 -16.11 3.10
O4 GLC C . -32.56 -14.27 4.87
O5 GLC C . -31.59 -17.31 6.73
O6 GLC C . -31.54 -13.78 7.47
C2 BGC D . -13.18 -9.29 28.32
C3 BGC D . -12.22 -10.41 28.66
C4 BGC D . -12.91 -11.75 28.75
C5 BGC D . -13.30 -11.93 27.30
C6 BGC D . -13.38 -13.28 26.65
C1 BGC D . -13.95 -9.71 27.07
O2 BGC D . -12.37 -8.22 27.96
O3 BGC D . -11.50 -10.18 29.86
O4 BGC D . -11.93 -12.65 29.23
O5 BGC D . -14.41 -11.04 27.11
O6 BGC D . -12.13 -13.23 26.02
C TRS E . -11.76 9.20 21.24
C1 TRS E . -12.24 7.81 20.78
C2 TRS E . -10.23 9.25 21.17
C3 TRS E . -12.44 10.30 20.40
N TRS E . -12.17 9.41 22.65
O1 TRS E . -13.59 7.54 21.21
O2 TRS E . -9.75 8.65 19.95
O3 TRS E . -12.20 11.64 20.88
C1 PEG F . -4.50 -1.32 5.80
O1 PEG F . -4.96 -0.69 4.60
C2 PEG F . -4.47 -2.84 5.58
O2 PEG F . -3.15 -3.24 5.21
C3 PEG F . -2.52 -4.01 6.23
C4 PEG F . -1.28 -4.68 5.65
O4 PEG F . -1.59 -6.03 5.30
C1 PEG G . 17.69 -19.60 9.13
O1 PEG G . 19.01 -19.05 9.27
C2 PEG G . 16.71 -18.61 9.74
O2 PEG G . 16.57 -17.49 8.85
C3 PEG G . 17.18 -16.30 9.34
C4 PEG G . 16.96 -15.10 8.42
O4 PEG G . 17.79 -14.95 7.24
C1 PEG H . -16.13 21.29 -5.46
O1 PEG H . -17.41 21.78 -5.04
C2 PEG H . -15.05 22.38 -5.42
O2 PEG H . -14.22 22.40 -4.23
C3 PEG H . -14.47 23.48 -3.32
C4 PEG H . -13.70 24.74 -3.74
O4 PEG H . -14.42 25.90 -3.29
N1 PLP I . -1.39 -4.38 12.01
C2 PLP I . -2.47 -5.11 12.39
C2A PLP I . -2.90 -5.11 13.83
C3 PLP I . -3.22 -5.91 11.39
O3 PLP I . -4.31 -6.65 11.74
C4 PLP I . -2.75 -5.86 9.99
C4A PLP I . -3.42 -6.62 8.92
O4A PLP I . -3.10 -7.78 8.68
C5 PLP I . -1.55 -5.04 9.70
C6 PLP I . -0.95 -4.33 10.75
C5A PLP I . -1.00 -4.93 8.30
O4P PLP I . -2.05 -4.57 7.40
P PLP I . -1.83 -4.66 5.81
O1P PLP I . -2.04 -6.13 5.50
O2P PLP I . -2.89 -3.75 5.24
O3P PLP I . -0.42 -4.18 5.61
C2 BGC J . -7.20 33.55 4.92
C3 BGC J . -5.99 33.73 4.04
C4 BGC J . -4.64 33.73 4.77
C5 BGC J . -4.69 33.27 6.20
C6 BGC J . -5.02 34.47 7.07
C1 BGC J . -6.97 32.36 5.81
O1 BGC J . -7.86 32.52 6.89
O2 BGC J . -8.36 33.34 4.14
O3 BGC J . -6.06 34.94 3.34
O4 BGC J . -3.69 32.91 4.14
O5 BGC J . -5.64 32.23 6.33
O6 BGC J . -4.38 35.66 6.65
C2 BGC K . -21.01 1.33 -15.54
C3 BGC K . -20.36 2.56 -14.86
C4 BGC K . -21.41 3.10 -13.88
C5 BGC K . -21.77 2.04 -12.80
C6 BGC K . -22.92 2.53 -11.89
C1 BGC K . -21.16 0.25 -14.43
O1 BGC K . -21.62 -1.01 -14.99
O2 BGC K . -20.35 0.91 -16.76
O3 BGC K . -19.94 3.58 -15.78
O4 BGC K . -20.97 4.34 -13.28
O5 BGC K . -22.04 0.70 -13.35
O6 BGC K . -24.06 3.06 -12.60
C2 BGC L . -9.84 8.50 -24.48
C3 BGC L . -10.89 9.53 -24.08
C4 BGC L . -10.40 10.28 -22.82
C5 BGC L . -9.02 10.92 -23.01
C1 BGC L . -8.46 9.17 -24.62
O1 BGC L . -7.56 8.55 -23.70
O2 BGC L . -10.21 7.80 -25.67
O3 BGC L . -12.12 8.86 -23.83
O4 BGC L . -11.36 11.27 -22.43
O5 BGC L . -8.47 10.58 -24.29
C1 BTB M . 8.75 -8.75 -21.99
O1 BTB M . 10.16 -8.40 -21.88
C2 BTB M . 8.19 -8.74 -23.45
C3 BTB M . 6.73 -8.99 -23.98
O3 BTB M . 5.98 -10.13 -23.48
C4 BTB M . 8.43 -10.28 -23.69
O4 BTB M . 9.84 -10.60 -23.70
N BTB M . 7.34 -7.61 -22.98
C5 BTB M . 7.87 -6.26 -23.39
C6 BTB M . 7.68 -5.94 -24.88
O6 BTB M . 6.45 -6.40 -25.49
C1 PEG N . 2.84 2.18 -6.88
O1 PEG N . 1.60 1.49 -6.73
C2 PEG N . 2.90 3.44 -6.03
O2 PEG N . 3.79 3.30 -4.96
C3 PEG N . 4.96 4.09 -5.12
C4 PEG N . 5.30 4.60 -3.74
O4 PEG N . 5.35 3.48 -2.88
N1 PLP O . 10.06 2.79 -7.45
C2 PLP O . 10.12 3.83 -8.31
C2A PLP O . 10.98 3.76 -9.51
C3 PLP O . 9.30 5.05 -8.07
O3 PLP O . 9.32 6.09 -8.90
C4 PLP O . 8.44 5.07 -6.87
C4A PLP O . 7.61 6.23 -6.54
O4A PLP O . 8.04 7.36 -6.65
C5 PLP O . 8.45 3.88 -6.01
C6 PLP O . 9.27 2.80 -6.37
C5A PLP O . 7.61 3.83 -4.76
O4P PLP O . 6.22 4.05 -5.03
P PLP O . 5.10 4.17 -3.90
O1P PLP O . 3.92 3.69 -4.75
O2P PLP O . 5.44 3.32 -2.74
O3P PLP O . 5.17 5.61 -3.59
C1 BME P . 7.20 24.09 -32.83
C2 BME P . 8.44 23.36 -33.37
O1 BME P . 6.45 23.25 -31.95
S2 BME P . 9.58 22.83 -32.05
#